data_4CA6
#
_entry.id   4CA6
#
_cell.length_a   72.925
_cell.length_b   76.643
_cell.length_c   82.545
_cell.angle_alpha   88.62
_cell.angle_beta   64.22
_cell.angle_gamma   75.58
#
_symmetry.space_group_name_H-M   'P 1'
#
loop_
_entity.id
_entity.type
_entity.pdbx_description
1 polymer 'ANGIOTENSIN-CONVERTING ENZYME N-DOMAIN'
2 branched alpha-L-fucopyranose-(1-6)-2-acetamido-2-deoxy-beta-D-glucopyranose
3 branched 2-acetamido-2-deoxy-beta-D-glucopyranose-(1-4)-2-acetamido-2-deoxy-beta-D-glucopyranose
4 branched beta-D-mannopyranose-(1-4)-2-acetamido-2-deoxy-beta-D-glucopyranose-(1-4)-[alpha-L-fucopyranose-(1-6)]2-acetamido-2-deoxy-beta-D-glucopyranose
5 branched beta-D-mannopyranose-(1-4)-2-acetamido-2-deoxy-beta-D-glucopyranose-(1-4)-2-acetamido-2-deoxy-beta-D-glucopyranose
6 non-polymer 'ZINC ION'
7 non-polymer 'CHLORIDE ION'
8 non-polymer DI(HYDROXYETHYL)ETHER
9 non-polymer 'TETRAETHYLENE GLYCOL'
10 non-polymer N-{(2S)-3-[(S)-[(1R)-1-{[(benzyloxy)carbonyl]amino}-2-phenylethyl](hydroxy)phosphoryl]-2-[(3-phenyl-1,2-oxazol-5-yl)methyl]propanoyl}-L-tyrosine
11 non-polymer 'HEXAETHYLENE GLYCOL'
12 water water
#
_entity_poly.entity_id   1
_entity_poly.type   'polypeptide(L)'
_entity_poly.pdbx_seq_one_letter_code
;LDPGLQPGQFSADEAGAQLFAQSYQSSAEQVLFQSVAASWAHDTNITAENARRQEEAALLSQEFAEAWGQKAKELYEPIW
QQFTDPQLRRIIGAVRTLGSANLPLAKRQQYNALLSQMSRIYSTAKVCLPNKTATCWSLDPDLTNILASSRSYAMLLFAW
EGWHNAAGIPLKPLYEDFTALSNEAYKQDGFTDTGAYWRSWYNSPTFEDDLEHLYQQLEPLYLNLHAFVRRALHRRYGDR
YINLRGPIPAHLLGDMWAQSWENIYDMVVPFPDKPNLDVTSTMLQQGWQATHMFRVAEEFFTSLELSPMPPEFWEGSMLE
KPADGREVVCHASAWDFYNRKDFRIKQCTRVTMDQLSTVHHEMGHIQYYLQYKDLPVSLRRGANPGFHEAIGDVLALSVS
TPEHLHKIGLLDRVTNDTESDINYLLKMALEKIAFLPFGYLVDQWRWGVFSGRTPPSRYNFDWWYLRTKYQGICPPVTRN
ETHFDAGAKFHVPNVTPYIRYFVSFVLQFQFHEALCKEAGYEGPLHQCDIYRSTKAGAKLRKVLRAGSSRPWQEVLKDMV
GLDALDAQPLLKYFQLVTQWLQEQNQQNGEVLGWPEYQWHPPLPDNYPEG
;
_entity_poly.pdbx_strand_id   A,B
#
# COMPACT_ATOMS: atom_id res chain seq x y z
N LEU A 1 20.58 -12.75 -37.79
CA LEU A 1 19.54 -13.83 -37.84
C LEU A 1 19.63 -14.57 -39.17
N ASP A 2 19.68 -15.89 -39.09
CA ASP A 2 19.78 -16.76 -40.27
C ASP A 2 18.63 -16.49 -41.27
N PRO A 3 18.96 -16.37 -42.57
CA PRO A 3 17.92 -16.09 -43.57
C PRO A 3 16.70 -17.02 -43.50
N GLY A 4 16.92 -18.31 -43.23
CA GLY A 4 15.81 -19.26 -43.01
C GLY A 4 14.85 -18.87 -41.89
N LEU A 5 15.34 -18.07 -40.93
CA LEU A 5 14.57 -17.75 -39.72
C LEU A 5 13.87 -16.39 -39.78
N GLN A 6 14.06 -15.69 -40.89
CA GLN A 6 13.51 -14.35 -41.09
C GLN A 6 12.11 -14.43 -41.71
N PRO A 7 11.23 -13.45 -41.43
CA PRO A 7 9.89 -13.44 -42.05
C PRO A 7 9.91 -13.07 -43.53
N GLY A 8 9.01 -13.69 -44.30
CA GLY A 8 8.79 -13.35 -45.72
C GLY A 8 7.69 -12.33 -45.88
N GLN A 9 6.86 -12.49 -46.90
CA GLN A 9 5.76 -11.53 -47.14
C GLN A 9 4.38 -12.12 -46.98
N PHE A 10 3.45 -11.28 -46.54
CA PHE A 10 2.07 -11.69 -46.25
C PHE A 10 1.20 -10.47 -46.48
N SER A 11 -0.05 -10.71 -46.87
CA SER A 11 -0.97 -9.61 -47.13
C SER A 11 -1.41 -8.91 -45.83
N ALA A 12 -1.72 -7.61 -45.93
CA ALA A 12 -2.05 -6.76 -44.79
C ALA A 12 -3.55 -6.86 -44.44
N ASP A 13 -3.99 -8.07 -44.15
CA ASP A 13 -5.39 -8.33 -43.83
C ASP A 13 -5.45 -9.63 -43.06
N GLU A 14 -6.64 -9.94 -42.52
CA GLU A 14 -6.82 -11.10 -41.66
C GLU A 14 -6.32 -12.41 -42.29
N ALA A 15 -6.60 -12.60 -43.57
CA ALA A 15 -6.23 -13.83 -44.26
C ALA A 15 -4.69 -13.96 -44.36
N GLY A 16 -4.02 -12.84 -44.60
CA GLY A 16 -2.55 -12.79 -44.61
C GLY A 16 -2.01 -13.02 -43.21
N ALA A 17 -2.71 -12.43 -42.24
CA ALA A 17 -2.41 -12.66 -40.82
C ALA A 17 -2.40 -14.13 -40.46
N GLN A 18 -3.29 -14.93 -41.07
CA GLN A 18 -3.35 -16.36 -40.78
C GLN A 18 -2.10 -17.09 -41.30
N LEU A 19 -1.62 -16.71 -42.48
CA LEU A 19 -0.42 -17.33 -43.06
C LEU A 19 0.86 -16.89 -42.30
N PHE A 20 0.90 -15.61 -41.94
CA PHE A 20 1.91 -15.08 -41.03
C PHE A 20 2.01 -15.93 -39.76
N ALA A 21 0.87 -16.11 -39.07
CA ALA A 21 0.87 -16.84 -37.79
C ALA A 21 1.37 -18.26 -37.98
N GLN A 22 0.98 -18.90 -39.09
CA GLN A 22 1.40 -20.27 -39.38
C GLN A 22 2.92 -20.34 -39.59
N SER A 23 3.44 -19.41 -40.37
CA SER A 23 4.87 -19.32 -40.70
C SER A 23 5.74 -18.91 -39.50
N TYR A 24 5.23 -17.97 -38.70
CA TYR A 24 5.90 -17.59 -37.45
C TYR A 24 6.18 -18.78 -36.55
N GLN A 25 5.15 -19.61 -36.37
CA GLN A 25 5.22 -20.74 -35.44
C GLN A 25 6.18 -21.82 -35.91
N SER A 26 6.26 -21.99 -37.23
CA SER A 26 7.17 -22.95 -37.83
C SER A 26 8.63 -22.61 -37.52
N SER A 27 8.99 -21.34 -37.65
CA SER A 27 10.36 -20.88 -37.36
C SER A 27 10.65 -20.77 -35.86
N ALA A 28 9.65 -20.35 -35.08
CA ALA A 28 9.83 -20.15 -33.64
C ALA A 28 10.35 -21.40 -32.94
N GLU A 29 9.92 -22.56 -33.42
CA GLU A 29 10.28 -23.84 -32.82
C GLU A 29 11.79 -24.07 -32.69
N GLN A 30 12.55 -23.78 -33.76
CA GLN A 30 14.02 -23.93 -33.77
C GLN A 30 14.71 -22.92 -32.85
N VAL A 31 14.17 -21.71 -32.82
CA VAL A 31 14.72 -20.64 -31.99
C VAL A 31 14.49 -21.02 -30.51
N LEU A 32 13.27 -21.43 -30.18
CA LEU A 32 12.95 -21.92 -28.85
C LEU A 32 13.88 -23.06 -28.43
N PHE A 33 14.08 -24.04 -29.32
CA PHE A 33 15.00 -25.14 -29.01
C PHE A 33 16.42 -24.72 -28.61
N GLN A 34 17.07 -23.85 -29.39
CA GLN A 34 18.47 -23.44 -29.11
C GLN A 34 18.57 -22.66 -27.81
N SER A 35 17.56 -21.85 -27.52
CA SER A 35 17.47 -21.11 -26.28
C SER A 35 17.40 -22.07 -25.07
N VAL A 36 16.45 -23.01 -25.11
CA VAL A 36 16.29 -23.95 -23.99
C VAL A 36 17.54 -24.81 -23.80
N ALA A 37 18.14 -25.28 -24.90
CA ALA A 37 19.35 -26.12 -24.81
C ALA A 37 20.50 -25.36 -24.14
N ALA A 38 20.69 -24.11 -24.56
CA ALA A 38 21.73 -23.27 -23.97
C ALA A 38 21.48 -23.03 -22.49
N SER A 39 20.21 -22.80 -22.10
CA SER A 39 19.88 -22.66 -20.67
C SER A 39 20.16 -23.94 -19.88
N TRP A 40 19.79 -25.07 -20.46
CA TRP A 40 20.02 -26.37 -19.81
C TRP A 40 21.49 -26.57 -19.54
N ALA A 41 22.30 -26.37 -20.59
CA ALA A 41 23.75 -26.52 -20.53
C ALA A 41 24.33 -25.68 -19.39
N HIS A 42 23.80 -24.48 -19.20
CA HIS A 42 24.26 -23.62 -18.11
C HIS A 42 23.73 -24.06 -16.74
N ASP A 43 22.42 -24.29 -16.65
CA ASP A 43 21.80 -24.56 -15.34
C ASP A 43 22.23 -25.88 -14.70
N THR A 44 22.64 -26.84 -15.53
CA THR A 44 23.16 -28.12 -15.04
C THR A 44 24.68 -28.12 -14.93
N ASN A 45 25.32 -26.99 -15.22
CA ASN A 45 26.78 -26.92 -15.26
C ASN A 45 27.19 -25.46 -15.41
N ILE A 46 27.13 -24.74 -14.26
CA ILE A 46 27.30 -23.28 -14.23
C ILE A 46 28.79 -22.98 -14.43
N THR A 47 29.11 -22.42 -15.60
CA THR A 47 30.48 -21.98 -15.91
C THR A 47 30.37 -20.67 -16.67
N ALA A 48 31.49 -19.95 -16.75
CA ALA A 48 31.54 -18.68 -17.48
C ALA A 48 31.29 -18.90 -18.97
N GLU A 49 31.83 -19.98 -19.51
CA GLU A 49 31.67 -20.30 -20.93
C GLU A 49 30.22 -20.71 -21.22
N ASN A 50 29.57 -21.41 -20.29
CA ASN A 50 28.16 -21.75 -20.45
C ASN A 50 27.21 -20.54 -20.34
N ALA A 51 27.52 -19.59 -19.48
CA ALA A 51 26.74 -18.35 -19.35
C ALA A 51 26.83 -17.51 -20.64
N ARG A 52 28.05 -17.37 -21.16
CA ARG A 52 28.30 -16.67 -22.41
C ARG A 52 27.46 -17.26 -23.54
N ARG A 53 27.48 -18.59 -23.68
CA ARG A 53 26.68 -19.26 -24.70
C ARG A 53 25.17 -19.03 -24.51
N GLN A 54 24.72 -19.07 -23.26
CA GLN A 54 23.33 -18.76 -22.95
C GLN A 54 22.98 -17.31 -23.32
N GLU A 55 23.88 -16.38 -23.05
CA GLU A 55 23.66 -14.98 -23.43
C GLU A 55 23.62 -14.78 -24.95
N GLU A 56 24.42 -15.56 -25.68
CA GLU A 56 24.37 -15.53 -27.14
C GLU A 56 23.06 -16.10 -27.68
N ALA A 57 22.56 -17.16 -27.06
CA ALA A 57 21.25 -17.71 -27.43
C ALA A 57 20.10 -16.74 -27.14
N ALA A 58 20.20 -16.03 -26.01
CA ALA A 58 19.20 -15.03 -25.67
C ALA A 58 19.17 -13.90 -26.70
N LEU A 59 20.35 -13.45 -27.11
CA LEU A 59 20.48 -12.43 -28.16
C LEU A 59 19.84 -12.89 -29.46
N LEU A 60 20.10 -14.14 -29.85
CA LEU A 60 19.47 -14.72 -31.04
C LEU A 60 17.94 -14.70 -30.91
N SER A 61 17.40 -15.10 -29.75
CA SER A 61 15.95 -15.05 -29.52
C SER A 61 15.38 -13.65 -29.68
N GLN A 62 16.14 -12.66 -29.22
CA GLN A 62 15.72 -11.26 -29.38
C GLN A 62 15.75 -10.83 -30.84
N GLU A 63 16.76 -11.26 -31.60
CA GLU A 63 16.83 -11.00 -33.04
C GLU A 63 15.57 -11.50 -33.76
N PHE A 64 15.23 -12.76 -33.49
CA PHE A 64 14.02 -13.38 -34.00
C PHE A 64 12.76 -12.62 -33.60
N ALA A 65 12.64 -12.30 -32.31
CA ALA A 65 11.47 -11.61 -31.77
C ALA A 65 11.31 -10.24 -32.40
N GLU A 66 12.42 -9.55 -32.62
CA GLU A 66 12.37 -8.27 -33.29
C GLU A 66 11.93 -8.39 -34.76
N ALA A 67 12.53 -9.31 -35.50
CA ALA A 67 12.21 -9.47 -36.93
C ALA A 67 10.70 -9.73 -37.14
N TRP A 68 10.16 -10.73 -36.44
CA TRP A 68 8.75 -11.09 -36.58
C TRP A 68 7.79 -10.08 -35.94
N GLY A 69 8.20 -9.50 -34.82
CA GLY A 69 7.41 -8.47 -34.14
C GLY A 69 7.23 -7.23 -34.99
N GLN A 70 8.34 -6.73 -35.55
CA GLN A 70 8.27 -5.57 -36.43
C GLN A 70 7.39 -5.86 -37.62
N LYS A 71 7.42 -7.10 -38.10
CA LYS A 71 6.63 -7.52 -39.25
C LYS A 71 5.13 -7.47 -38.89
N ALA A 72 4.80 -7.99 -37.71
CA ALA A 72 3.40 -7.98 -37.21
C ALA A 72 2.86 -6.56 -37.15
N LYS A 73 3.67 -5.65 -36.60
CA LYS A 73 3.28 -4.25 -36.43
C LYS A 73 3.18 -3.53 -37.78
N GLU A 74 4.10 -3.87 -38.68
CA GLU A 74 4.10 -3.31 -40.02
C GLU A 74 2.77 -3.60 -40.76
N LEU A 75 2.34 -4.85 -40.70
CA LEU A 75 1.19 -5.32 -41.47
C LEU A 75 -0.15 -5.18 -40.72
N TYR A 76 -0.14 -5.39 -39.40
CA TYR A 76 -1.39 -5.62 -38.63
C TYR A 76 -1.67 -4.74 -37.40
N GLU A 77 -0.75 -3.85 -37.04
CA GLU A 77 -0.96 -3.05 -35.83
C GLU A 77 -2.29 -2.27 -35.82
N PRO A 78 -2.66 -1.63 -36.94
CA PRO A 78 -3.92 -0.88 -36.84
C PRO A 78 -5.19 -1.76 -36.92
N ILE A 79 -5.04 -3.07 -37.17
CA ILE A 79 -6.22 -3.88 -37.52
C ILE A 79 -6.43 -5.18 -36.74
N TRP A 80 -5.37 -5.70 -36.12
CA TRP A 80 -5.41 -7.04 -35.51
C TRP A 80 -6.46 -7.16 -34.38
N GLN A 81 -6.68 -6.06 -33.67
CA GLN A 81 -7.65 -6.03 -32.55
C GLN A 81 -9.09 -6.23 -33.06
N GLN A 82 -9.30 -5.95 -34.35
CA GLN A 82 -10.61 -6.18 -34.95
C GLN A 82 -10.74 -7.50 -35.71
N PHE A 83 -9.73 -8.36 -35.62
CA PHE A 83 -9.75 -9.67 -36.31
C PHE A 83 -10.87 -10.55 -35.78
N THR A 84 -11.57 -11.23 -36.68
CA THR A 84 -12.73 -12.03 -36.31
C THR A 84 -12.38 -13.27 -35.49
N ASP A 85 -11.21 -13.86 -35.80
CA ASP A 85 -10.76 -15.09 -35.16
C ASP A 85 -10.03 -14.76 -33.85
N PRO A 86 -10.61 -15.17 -32.69
CA PRO A 86 -9.98 -14.82 -31.39
C PRO A 86 -8.61 -15.49 -31.14
N GLN A 87 -8.44 -16.74 -31.58
CA GLN A 87 -7.17 -17.45 -31.45
C GLN A 87 -6.03 -16.70 -32.18
N LEU A 88 -6.36 -16.17 -33.36
CA LEU A 88 -5.45 -15.35 -34.13
C LEU A 88 -5.16 -14.02 -33.44
N ARG A 89 -6.16 -13.42 -32.82
CA ARG A 89 -5.96 -12.13 -32.13
C ARG A 89 -4.89 -12.28 -31.05
N ARG A 90 -4.92 -13.44 -30.37
CA ARG A 90 -4.01 -13.76 -29.28
C ARG A 90 -2.58 -13.91 -29.77
N ILE A 91 -2.40 -14.59 -30.91
CA ILE A 91 -1.04 -14.79 -31.46
C ILE A 91 -0.45 -13.51 -32.07
N ILE A 92 -1.17 -12.89 -32.99
CA ILE A 92 -0.70 -11.63 -33.53
C ILE A 92 -0.50 -10.60 -32.41
N GLY A 93 -1.39 -10.63 -31.41
CA GLY A 93 -1.28 -9.79 -30.22
C GLY A 93 -0.01 -10.03 -29.44
N ALA A 94 0.37 -11.31 -29.26
CA ALA A 94 1.66 -11.70 -28.68
C ALA A 94 2.85 -11.21 -29.52
N VAL A 95 2.81 -11.50 -30.82
CA VAL A 95 3.92 -11.22 -31.71
C VAL A 95 4.22 -9.72 -31.82
N ARG A 96 3.19 -8.88 -31.78
CA ARG A 96 3.37 -7.42 -31.79
C ARG A 96 4.02 -6.92 -30.47
N THR A 97 4.16 -7.81 -29.49
CA THR A 97 4.64 -7.46 -28.14
C THR A 97 6.08 -7.99 -27.99
N LEU A 98 7.04 -7.10 -28.12
CA LEU A 98 8.43 -7.48 -28.37
C LEU A 98 9.23 -7.77 -27.13
N GLY A 99 8.81 -7.20 -26.01
CA GLY A 99 9.49 -7.38 -24.73
C GLY A 99 10.89 -6.79 -24.79
N SER A 100 11.87 -7.56 -24.33
CA SER A 100 13.27 -7.10 -24.26
C SER A 100 13.87 -6.84 -25.63
N ALA A 101 13.25 -7.41 -26.67
CA ALA A 101 13.64 -7.15 -28.05
C ALA A 101 13.34 -5.70 -28.46
N ASN A 102 12.57 -4.98 -27.64
CA ASN A 102 12.39 -3.53 -27.84
C ASN A 102 13.63 -2.74 -27.48
N LEU A 103 14.49 -3.31 -26.63
CA LEU A 103 15.72 -2.62 -26.21
C LEU A 103 16.73 -2.54 -27.35
N PRO A 104 17.46 -1.42 -27.45
CA PRO A 104 18.55 -1.41 -28.45
C PRO A 104 19.60 -2.46 -28.09
N LEU A 105 20.48 -2.78 -29.02
CA LEU A 105 21.44 -3.87 -28.85
C LEU A 105 22.24 -3.82 -27.54
N ALA A 106 22.81 -2.66 -27.20
CA ALA A 106 23.61 -2.51 -25.98
C ALA A 106 22.81 -2.86 -24.72
N LYS A 107 21.57 -2.38 -24.67
CA LYS A 107 20.70 -2.64 -23.52
C LYS A 107 20.20 -4.10 -23.49
N ARG A 108 20.00 -4.72 -24.64
CA ARG A 108 19.70 -6.15 -24.71
C ARG A 108 20.80 -6.98 -24.05
N GLN A 109 22.03 -6.65 -24.40
CA GLN A 109 23.20 -7.33 -23.86
C GLN A 109 23.30 -7.08 -22.36
N GLN A 110 23.06 -5.84 -21.94
CA GLN A 110 23.00 -5.51 -20.52
C GLN A 110 21.95 -6.36 -19.81
N TYR A 111 20.74 -6.40 -20.38
CA TYR A 111 19.62 -7.19 -19.84
C TYR A 111 19.99 -8.67 -19.67
N ASN A 112 20.51 -9.27 -20.74
CA ASN A 112 20.86 -10.69 -20.73
C ASN A 112 21.99 -10.98 -19.72
N ALA A 113 22.95 -10.07 -19.63
CA ALA A 113 24.03 -10.19 -18.65
C ALA A 113 23.52 -10.11 -17.22
N LEU A 114 22.57 -9.21 -16.96
CA LEU A 114 21.95 -9.08 -15.64
C LEU A 114 21.22 -10.35 -15.20
N LEU A 115 20.46 -10.95 -16.12
CA LEU A 115 19.73 -12.17 -15.81
C LEU A 115 20.70 -13.31 -15.49
N SER A 116 21.81 -13.38 -16.23
CA SER A 116 22.82 -14.41 -16.00
C SER A 116 23.51 -14.21 -14.64
N GLN A 117 23.87 -12.96 -14.35
CA GLN A 117 24.58 -12.67 -13.11
C GLN A 117 23.69 -12.83 -11.87
N MET A 118 22.42 -12.46 -11.98
CA MET A 118 21.47 -12.65 -10.86
C MET A 118 21.24 -14.13 -10.57
N SER A 119 21.03 -14.89 -11.64
CA SER A 119 20.89 -16.35 -11.55
C SER A 119 22.11 -17.01 -10.89
N ARG A 120 23.31 -16.65 -11.34
CA ARG A 120 24.56 -17.17 -10.78
C ARG A 120 24.70 -16.84 -9.31
N ILE A 121 24.41 -15.60 -8.95
CA ILE A 121 24.53 -15.18 -7.55
C ILE A 121 23.62 -16.03 -6.66
N TYR A 122 22.35 -16.18 -7.05
CA TYR A 122 21.42 -16.94 -6.21
C TYR A 122 21.84 -18.40 -6.09
N SER A 123 22.18 -19.02 -7.22
CA SER A 123 22.47 -20.44 -7.24
C SER A 123 23.86 -20.86 -6.75
N THR A 124 24.79 -19.91 -6.65
CA THR A 124 26.14 -20.21 -6.15
C THR A 124 26.44 -19.59 -4.79
N ALA A 125 25.50 -18.84 -4.22
CA ALA A 125 25.70 -18.22 -2.90
C ALA A 125 25.92 -19.28 -1.81
N LYS A 126 26.83 -19.01 -0.88
CA LYS A 126 27.17 -19.95 0.20
C LYS A 126 27.16 -19.25 1.55
N VAL A 127 26.92 -20.02 2.61
CA VAL A 127 27.09 -19.53 3.97
C VAL A 127 28.31 -20.23 4.56
N CYS A 128 29.33 -19.45 4.90
CA CYS A 128 30.57 -20.01 5.43
C CYS A 128 30.65 -19.84 6.95
N LEU A 129 31.25 -20.83 7.62
CA LEU A 129 31.22 -20.91 9.09
C LEU A 129 32.32 -20.07 9.75
N LYS A 132 35.41 -26.04 10.37
CA LYS A 132 36.49 -25.29 9.72
C LYS A 132 35.98 -23.95 9.18
N THR A 133 36.88 -22.97 9.15
CA THR A 133 36.57 -21.64 8.62
C THR A 133 36.48 -21.62 7.09
N ALA A 134 36.97 -22.68 6.46
CA ALA A 134 36.91 -22.84 5.01
C ALA A 134 35.63 -23.52 4.53
N THR A 135 34.95 -24.24 5.43
CA THR A 135 33.73 -24.99 5.09
C THR A 135 32.51 -24.08 4.91
N CYS A 136 31.78 -24.29 3.81
CA CYS A 136 30.61 -23.47 3.47
C CYS A 136 29.37 -24.31 3.11
N TRP A 137 28.20 -23.81 3.52
CA TRP A 137 26.93 -24.48 3.30
C TRP A 137 26.18 -23.91 2.10
N SER A 138 25.65 -24.77 1.25
CA SER A 138 24.80 -24.34 0.14
C SER A 138 23.34 -24.32 0.58
N LEU A 139 22.50 -23.57 -0.13
CA LEU A 139 21.07 -23.59 0.16
C LEU A 139 20.51 -25.03 0.12
N ASP A 140 20.76 -25.71 -0.98
CA ASP A 140 20.24 -27.06 -1.19
C ASP A 140 21.45 -27.99 -1.39
N PRO A 141 21.65 -28.97 -0.47
CA PRO A 141 20.78 -29.41 0.64
C PRO A 141 21.02 -28.83 2.04
N ASP A 142 22.18 -28.23 2.27
CA ASP A 142 22.63 -27.93 3.64
C ASP A 142 21.69 -27.01 4.43
N LEU A 143 21.46 -25.80 3.93
CA LEU A 143 20.62 -24.83 4.65
C LEU A 143 19.16 -25.29 4.75
N THR A 144 18.67 -25.91 3.67
CA THR A 144 17.36 -26.54 3.64
C THR A 144 17.19 -27.56 4.79
N ASN A 145 18.17 -28.46 4.96
CA ASN A 145 18.11 -29.45 6.03
C ASN A 145 18.13 -28.82 7.43
N ILE A 146 18.92 -27.77 7.60
CA ILE A 146 18.99 -27.06 8.87
C ILE A 146 17.63 -26.43 9.21
N LEU A 147 17.06 -25.66 8.27
CA LEU A 147 15.75 -25.06 8.51
C LEU A 147 14.65 -26.09 8.76
N ALA A 148 14.82 -27.27 8.18
CA ALA A 148 13.84 -28.36 8.30
C ALA A 148 13.90 -29.15 9.61
N SER A 149 15.10 -29.41 10.12
CA SER A 149 15.26 -30.39 11.21
C SER A 149 15.98 -29.89 12.47
N SER A 150 16.65 -28.74 12.36
CA SER A 150 17.23 -28.13 13.54
C SER A 150 16.12 -27.43 14.34
N ARG A 151 16.21 -27.57 15.66
CA ARG A 151 15.28 -26.93 16.57
C ARG A 151 16.08 -26.04 17.52
N SER A 152 17.31 -25.74 17.11
CA SER A 152 18.16 -24.82 17.84
C SER A 152 17.93 -23.42 17.32
N TYR A 153 17.39 -22.56 18.16
CA TYR A 153 17.06 -21.19 17.77
C TYR A 153 18.27 -20.48 17.13
N ALA A 154 19.43 -20.59 17.77
CA ALA A 154 20.68 -19.96 17.32
C ALA A 154 21.18 -20.54 16.00
N MET A 155 21.07 -21.85 15.83
CA MET A 155 21.48 -22.49 14.59
C MET A 155 20.59 -22.11 13.41
N LEU A 156 19.29 -22.13 13.65
CA LEU A 156 18.32 -21.66 12.64
C LEU A 156 18.57 -20.20 12.26
N LEU A 157 18.90 -19.37 13.25
CA LEU A 157 19.15 -17.95 13.00
C LEU A 157 20.39 -17.77 12.14
N PHE A 158 21.42 -18.57 12.43
CA PHE A 158 22.67 -18.50 11.68
C PHE A 158 22.41 -18.86 10.22
N ALA A 159 21.64 -19.91 10.00
CA ALA A 159 21.28 -20.31 8.63
C ALA A 159 20.38 -19.26 7.93
N TRP A 160 19.36 -18.77 8.63
CA TRP A 160 18.45 -17.75 8.06
C TRP A 160 19.15 -16.44 7.69
N GLU A 161 19.91 -15.90 8.64
CA GLU A 161 20.67 -14.67 8.44
C GLU A 161 21.75 -14.85 7.38
N GLY A 162 22.49 -15.96 7.48
CA GLY A 162 23.55 -16.25 6.53
C GLY A 162 23.05 -16.27 5.11
N TRP A 163 22.00 -17.05 4.85
CA TRP A 163 21.43 -17.10 3.50
C TRP A 163 20.92 -15.74 2.99
N HIS A 164 20.10 -15.08 3.81
CA HIS A 164 19.51 -13.80 3.38
C HIS A 164 20.58 -12.76 3.05
N ASN A 165 21.62 -12.72 3.88
CA ASN A 165 22.78 -11.86 3.62
C ASN A 165 23.59 -12.26 2.39
N ALA A 166 23.88 -13.56 2.24
CA ALA A 166 24.67 -14.07 1.12
C ALA A 166 23.99 -13.86 -0.23
N ALA A 167 22.69 -14.17 -0.31
CA ALA A 167 21.98 -14.09 -1.58
C ALA A 167 21.52 -12.66 -1.85
N GLY A 168 20.91 -12.02 -0.85
CA GLY A 168 20.23 -10.72 -1.03
C GLY A 168 21.11 -9.50 -1.25
N ILE A 169 22.11 -9.30 -0.38
CA ILE A 169 22.94 -8.09 -0.47
C ILE A 169 23.56 -7.84 -1.86
N PRO A 170 24.28 -8.83 -2.44
CA PRO A 170 24.86 -8.53 -3.75
C PRO A 170 23.88 -8.48 -4.93
N LEU A 171 22.66 -8.98 -4.75
CA LEU A 171 21.66 -8.92 -5.83
C LEU A 171 21.06 -7.54 -6.04
N LYS A 172 21.00 -6.75 -4.97
CA LYS A 172 20.23 -5.49 -5.01
C LYS A 172 20.62 -4.54 -6.16
N PRO A 173 21.91 -4.19 -6.30
CA PRO A 173 22.19 -3.27 -7.39
C PRO A 173 21.80 -3.81 -8.76
N LEU A 174 22.00 -5.12 -8.99
CA LEU A 174 21.62 -5.74 -10.25
C LEU A 174 20.10 -5.71 -10.47
N TYR A 175 19.34 -5.96 -9.40
CA TYR A 175 17.89 -6.03 -9.49
C TYR A 175 17.26 -4.68 -9.83
N GLU A 176 17.85 -3.60 -9.33
CA GLU A 176 17.43 -2.26 -9.69
C GLU A 176 17.60 -2.02 -11.18
N ASP A 177 18.75 -2.44 -11.71
CA ASP A 177 19.07 -2.21 -13.13
C ASP A 177 18.15 -3.02 -14.03
N PHE A 178 17.89 -4.26 -13.61
CA PHE A 178 16.97 -5.15 -14.33
C PHE A 178 15.57 -4.54 -14.41
N THR A 179 15.07 -4.05 -13.28
CA THR A 179 13.72 -3.49 -13.22
C THR A 179 13.55 -2.35 -14.21
N ALA A 180 14.53 -1.46 -14.26
CA ALA A 180 14.50 -0.30 -15.18
C ALA A 180 14.49 -0.76 -16.65
N LEU A 181 15.36 -1.69 -17.00
CA LEU A 181 15.40 -2.21 -18.37
C LEU A 181 14.14 -2.99 -18.75
N SER A 182 13.64 -3.81 -17.83
CA SER A 182 12.38 -4.54 -18.02
C SER A 182 11.23 -3.59 -18.34
N ASN A 183 11.06 -2.55 -17.51
CA ASN A 183 10.01 -1.55 -17.69
C ASN A 183 10.21 -0.81 -19.01
N GLU A 184 11.46 -0.46 -19.32
CA GLU A 184 11.74 0.25 -20.58
C GLU A 184 11.21 -0.57 -21.77
N ALA A 185 11.55 -1.86 -21.77
CA ALA A 185 11.15 -2.79 -22.81
C ALA A 185 9.63 -2.92 -22.97
N TYR A 186 8.93 -3.20 -21.86
CA TYR A 186 7.48 -3.44 -21.91
C TYR A 186 6.62 -2.20 -22.13
N LYS A 187 7.15 -1.05 -21.74
CA LYS A 187 6.47 0.23 -22.00
C LYS A 187 6.35 0.53 -23.50
N GLN A 188 7.32 0.09 -24.28
CA GLN A 188 7.28 0.30 -25.74
C GLN A 188 6.17 -0.53 -26.37
N ASP A 189 5.80 -1.63 -25.72
CA ASP A 189 4.66 -2.47 -26.12
C ASP A 189 3.30 -1.93 -25.71
N GLY A 190 3.30 -0.85 -24.93
CA GLY A 190 2.06 -0.21 -24.49
C GLY A 190 1.55 -0.58 -23.10
N PHE A 191 2.31 -1.37 -22.35
CA PHE A 191 2.00 -1.63 -20.92
C PHE A 191 2.56 -0.52 -20.05
N THR A 192 1.86 -0.18 -18.96
CA THR A 192 2.38 0.83 -18.02
C THR A 192 3.69 0.38 -17.35
N ASP A 193 3.83 -0.92 -17.14
CA ASP A 193 5.05 -1.49 -16.56
C ASP A 193 5.06 -3.00 -16.74
N THR A 194 6.19 -3.65 -16.40
CA THR A 194 6.29 -5.10 -16.55
C THR A 194 5.23 -5.87 -15.76
N GLY A 195 4.95 -5.45 -14.53
CA GLY A 195 3.88 -6.07 -13.71
C GLY A 195 2.52 -6.09 -14.42
N ALA A 196 2.22 -5.04 -15.18
CA ALA A 196 0.98 -4.99 -15.96
C ALA A 196 0.98 -6.03 -17.06
N TYR A 197 2.14 -6.24 -17.69
CA TYR A 197 2.26 -7.30 -18.68
C TYR A 197 2.08 -8.69 -18.06
N TRP A 198 2.73 -8.95 -16.93
CA TRP A 198 2.59 -10.24 -16.25
C TRP A 198 1.14 -10.54 -15.91
N ARG A 199 0.43 -9.55 -15.36
CA ARG A 199 -0.98 -9.71 -14.98
C ARG A 199 -1.88 -9.95 -16.19
N SER A 200 -1.50 -9.43 -17.36
CA SER A 200 -2.34 -9.55 -18.56
C SER A 200 -2.49 -10.99 -19.06
N TRP A 201 -1.59 -11.87 -18.62
CA TRP A 201 -1.62 -13.30 -18.93
C TRP A 201 -2.88 -13.99 -18.39
N TYR A 202 -3.59 -13.32 -17.49
CA TYR A 202 -4.79 -13.92 -16.93
C TYR A 202 -6.07 -13.41 -17.58
N ASN A 203 -5.91 -12.46 -18.51
CA ASN A 203 -7.03 -11.88 -19.25
C ASN A 203 -8.31 -11.74 -18.40
N SER A 204 -8.15 -11.10 -17.25
CA SER A 204 -9.28 -10.75 -16.38
C SER A 204 -9.14 -9.27 -16.11
N PRO A 205 -10.09 -8.47 -16.61
CA PRO A 205 -10.01 -7.03 -16.34
C PRO A 205 -10.10 -6.77 -14.83
N THR A 206 -10.50 -7.79 -14.11
CA THR A 206 -10.80 -7.68 -12.69
C THR A 206 -9.86 -8.54 -11.80
N PHE A 207 -8.78 -9.03 -12.40
CA PHE A 207 -7.81 -9.92 -11.74
C PHE A 207 -7.47 -9.56 -10.29
N GLU A 208 -6.95 -8.35 -10.04
CA GLU A 208 -6.48 -8.00 -8.70
C GLU A 208 -7.60 -8.02 -7.67
N ASP A 209 -8.77 -7.51 -8.04
CA ASP A 209 -9.95 -7.57 -7.18
C ASP A 209 -10.41 -9.00 -6.89
N ASP A 210 -10.41 -9.85 -7.91
CA ASP A 210 -10.78 -11.26 -7.77
C ASP A 210 -9.86 -11.97 -6.77
N LEU A 211 -8.57 -11.67 -6.84
CA LEU A 211 -7.58 -12.22 -5.91
C LEU A 211 -7.81 -11.77 -4.48
N GLU A 212 -8.11 -10.48 -4.32
CA GLU A 212 -8.34 -9.91 -3.00
C GLU A 212 -9.60 -10.53 -2.35
N HIS A 213 -10.66 -10.73 -3.15
CA HIS A 213 -11.88 -11.38 -2.66
CA HIS A 213 -11.88 -11.39 -2.66
C HIS A 213 -11.61 -12.83 -2.24
N LEU A 214 -10.78 -13.53 -2.99
CA LEU A 214 -10.38 -14.90 -2.66
C LEU A 214 -9.61 -14.89 -1.36
N TYR A 215 -8.60 -14.04 -1.27
CA TYR A 215 -7.82 -13.97 -0.04
C TYR A 215 -8.67 -13.66 1.22
N GLN A 216 -9.65 -12.76 1.09
CA GLN A 216 -10.56 -12.44 2.23
C GLN A 216 -11.27 -13.65 2.84
N GLN A 217 -11.65 -14.60 1.99
CA GLN A 217 -12.30 -15.84 2.41
C GLN A 217 -11.31 -16.82 3.05
N LEU A 218 -10.05 -16.72 2.67
CA LEU A 218 -9.05 -17.67 3.16
C LEU A 218 -8.35 -17.20 4.44
N GLU A 219 -8.31 -15.88 4.64
CA GLU A 219 -7.52 -15.30 5.73
C GLU A 219 -7.90 -15.81 7.14
N PRO A 220 -9.21 -16.00 7.43
CA PRO A 220 -9.52 -16.56 8.76
C PRO A 220 -8.88 -17.94 8.99
N LEU A 221 -8.78 -18.76 7.93
CA LEU A 221 -8.15 -20.07 8.09
C LEU A 221 -6.67 -19.91 8.42
N TYR A 222 -6.00 -19.00 7.70
CA TYR A 222 -4.61 -18.72 8.03
C TYR A 222 -4.45 -18.18 9.45
N LEU A 223 -5.28 -17.23 9.86
CA LEU A 223 -5.14 -16.62 11.19
C LEU A 223 -5.22 -17.66 12.30
N ASN A 224 -6.18 -18.57 12.19
CA ASN A 224 -6.32 -19.65 13.18
C ASN A 224 -5.18 -20.64 13.19
N LEU A 225 -4.68 -21.04 12.02
CA LEU A 225 -3.54 -21.94 11.94
C LEU A 225 -2.31 -21.28 12.57
N HIS A 226 -2.14 -20.00 12.26
CA HIS A 226 -1.02 -19.21 12.74
C HIS A 226 -1.01 -19.16 14.27
N ALA A 227 -2.16 -18.88 14.87
CA ALA A 227 -2.26 -18.76 16.33
C ALA A 227 -2.01 -20.11 17.02
N PHE A 228 -2.49 -21.18 16.40
CA PHE A 228 -2.30 -22.53 16.95
C PHE A 228 -0.82 -22.90 16.89
N VAL A 229 -0.19 -22.62 15.74
CA VAL A 229 1.22 -22.91 15.54
C VAL A 229 2.11 -22.07 16.44
N ARG A 230 1.76 -20.80 16.62
CA ARG A 230 2.53 -19.91 17.47
C ARG A 230 2.53 -20.41 18.94
N ARG A 231 1.39 -20.92 19.38
CA ARG A 231 1.28 -21.55 20.71
C ARG A 231 2.18 -22.80 20.81
N ALA A 232 2.18 -23.64 19.78
CA ALA A 232 3.06 -24.82 19.77
C ALA A 232 4.54 -24.42 19.87
N LEU A 233 4.92 -23.34 19.16
CA LEU A 233 6.30 -22.85 19.18
C LEU A 233 6.67 -22.28 20.54
N HIS A 234 5.74 -21.56 21.16
CA HIS A 234 5.96 -20.95 22.47
C HIS A 234 6.29 -22.04 23.51
N ARG A 235 5.54 -23.14 23.47
CA ARG A 235 5.78 -24.28 24.35
C ARG A 235 7.20 -24.87 24.17
N ARG A 236 7.78 -24.73 22.97
CA ARG A 236 9.13 -25.25 22.71
C ARG A 236 10.26 -24.24 22.91
N TYR A 237 10.04 -23.01 22.49
CA TYR A 237 11.10 -22.00 22.47
C TYR A 237 11.05 -21.03 23.64
N GLY A 238 9.89 -20.94 24.28
CA GLY A 238 9.75 -20.12 25.49
C GLY A 238 9.29 -18.70 25.24
N ASP A 239 8.96 -18.02 26.34
CA ASP A 239 8.39 -16.68 26.31
C ASP A 239 9.37 -15.59 25.82
N ARG A 240 10.64 -15.93 25.74
CA ARG A 240 11.67 -14.99 25.27
C ARG A 240 11.65 -14.86 23.74
N TYR A 241 11.61 -16.00 23.05
CA TYR A 241 11.72 -16.03 21.61
C TYR A 241 10.38 -16.02 20.89
N ILE A 242 9.31 -16.32 21.62
CA ILE A 242 7.96 -16.32 21.05
C ILE A 242 7.04 -15.37 21.81
N ASN A 243 6.41 -14.46 21.07
CA ASN A 243 5.42 -13.54 21.62
C ASN A 243 4.02 -13.99 21.18
N LEU A 244 3.22 -14.44 22.15
CA LEU A 244 1.88 -14.98 21.88
C LEU A 244 0.92 -13.95 21.26
N ARG A 245 1.35 -12.70 21.20
CA ARG A 245 0.52 -11.66 20.62
C ARG A 245 1.22 -10.95 19.48
N GLY A 246 2.37 -11.48 19.08
CA GLY A 246 3.26 -10.86 18.10
C GLY A 246 3.49 -11.73 16.89
N PRO A 247 4.23 -11.21 15.90
CA PRO A 247 4.56 -12.04 14.73
C PRO A 247 5.50 -13.16 15.14
N ILE A 248 5.46 -14.26 14.39
CA ILE A 248 6.36 -15.40 14.66
C ILE A 248 7.72 -15.09 14.03
N PRO A 249 8.84 -15.30 14.76
CA PRO A 249 10.14 -15.15 14.10
C PRO A 249 10.26 -16.02 12.84
N ALA A 250 10.77 -15.42 11.76
CA ALA A 250 10.64 -15.97 10.41
C ALA A 250 11.44 -17.24 10.13
N HIS A 251 12.32 -17.62 11.07
CA HIS A 251 13.21 -18.76 10.88
C HIS A 251 12.74 -20.05 11.58
N LEU A 252 11.60 -20.00 12.27
CA LEU A 252 11.16 -21.14 13.10
C LEU A 252 10.05 -22.03 12.52
N LEU A 253 9.75 -21.87 11.23
CA LEU A 253 8.58 -22.52 10.65
C LEU A 253 8.91 -23.70 9.70
N GLY A 254 10.18 -24.09 9.61
CA GLY A 254 10.57 -25.30 8.91
C GLY A 254 11.19 -25.09 7.54
N ASP A 255 11.14 -23.84 7.08
CA ASP A 255 11.41 -23.50 5.68
C ASP A 255 12.12 -22.14 5.63
N MET A 256 13.06 -21.95 4.70
CA MET A 256 13.84 -20.70 4.63
C MET A 256 12.94 -19.45 4.48
N TRP A 257 11.75 -19.63 3.88
CA TRP A 257 10.85 -18.51 3.57
C TRP A 257 9.59 -18.51 4.41
N ALA A 258 9.54 -19.40 5.42
CA ALA A 258 8.34 -19.63 6.22
C ALA A 258 7.11 -19.86 5.32
N GLN A 259 7.34 -20.45 4.13
CA GLN A 259 6.27 -20.55 3.12
C GLN A 259 5.49 -21.86 3.18
N SER A 260 6.10 -22.91 3.70
CA SER A 260 5.41 -24.18 3.98
C SER A 260 5.82 -24.54 5.39
N TRP A 261 4.86 -24.99 6.20
CA TRP A 261 5.20 -25.32 7.58
C TRP A 261 5.20 -26.83 7.85
N GLU A 262 5.18 -27.64 6.80
CA GLU A 262 5.15 -29.11 6.96
C GLU A 262 6.26 -29.69 7.89
N ASN A 263 7.45 -29.08 7.88
CA ASN A 263 8.58 -29.59 8.68
C ASN A 263 8.42 -29.50 10.19
N ILE A 264 7.54 -28.61 10.66
CA ILE A 264 7.29 -28.55 12.11
C ILE A 264 6.06 -29.36 12.51
N TYR A 265 5.58 -30.21 11.61
CA TYR A 265 4.44 -31.08 11.92
C TYR A 265 4.53 -31.82 13.27
N ASP A 266 5.71 -32.36 13.61
CA ASP A 266 5.84 -33.11 14.88
C ASP A 266 5.57 -32.27 16.12
N MET A 267 5.81 -30.94 16.03
CA MET A 267 5.55 -30.03 17.15
C MET A 267 4.08 -29.63 17.26
N VAL A 268 3.36 -29.70 16.15
CA VAL A 268 1.98 -29.20 16.16
C VAL A 268 0.92 -30.29 16.10
N VAL A 269 1.30 -31.52 15.75
CA VAL A 269 0.34 -32.61 15.56
C VAL A 269 -0.61 -32.75 16.76
N PRO A 270 -1.92 -32.56 16.55
CA PRO A 270 -2.91 -32.58 17.63
C PRO A 270 -2.93 -33.89 18.42
N PHE A 271 -2.92 -35.02 17.72
CA PHE A 271 -3.03 -36.33 18.36
C PHE A 271 -1.84 -37.22 18.04
N PRO A 272 -0.71 -36.98 18.74
CA PRO A 272 0.59 -37.66 18.56
C PRO A 272 0.59 -39.18 18.73
N ASP A 273 -0.49 -39.74 19.29
CA ASP A 273 -0.55 -41.19 19.52
C ASP A 273 -1.18 -41.96 18.37
N LYS A 274 -1.62 -41.25 17.33
CA LYS A 274 -2.11 -41.89 16.11
C LYS A 274 -0.90 -42.14 15.19
N PRO A 275 -1.09 -42.94 14.12
CA PRO A 275 -0.02 -43.19 13.15
C PRO A 275 0.62 -41.89 12.61
N ASN A 276 1.94 -41.94 12.45
CA ASN A 276 2.69 -40.79 12.01
C ASN A 276 2.53 -40.54 10.50
N LEU A 277 1.79 -39.48 10.17
CA LEU A 277 1.40 -39.21 8.77
C LEU A 277 2.51 -38.61 7.93
N ASP A 278 3.62 -38.24 8.58
CA ASP A 278 4.80 -37.84 7.85
C ASP A 278 5.65 -39.09 7.66
N VAL A 279 5.75 -39.54 6.41
CA VAL A 279 6.37 -40.82 6.07
C VAL A 279 7.85 -40.70 5.72
N THR A 280 8.41 -39.50 5.89
CA THR A 280 9.83 -39.25 5.61
C THR A 280 10.75 -40.31 6.23
N SER A 281 10.57 -40.58 7.53
CA SER A 281 11.46 -41.49 8.24
C SER A 281 11.28 -42.94 7.76
N THR A 282 10.08 -43.27 7.30
CA THR A 282 9.83 -44.59 6.69
C THR A 282 10.51 -44.70 5.31
N MET A 283 10.50 -43.61 4.56
CA MET A 283 11.21 -43.56 3.26
C MET A 283 12.71 -43.80 3.42
N LEU A 284 13.31 -43.15 4.41
CA LEU A 284 14.72 -43.36 4.75
C LEU A 284 14.98 -44.79 5.21
N GLN A 285 14.20 -45.26 6.18
CA GLN A 285 14.33 -46.63 6.67
C GLN A 285 14.21 -47.67 5.55
N GLN A 286 13.27 -47.47 4.62
CA GLN A 286 13.10 -48.37 3.47
C GLN A 286 14.16 -48.15 2.38
N GLY A 287 14.89 -47.04 2.45
CA GLY A 287 15.97 -46.78 1.51
C GLY A 287 15.53 -46.30 0.13
N TRP A 288 14.46 -45.49 0.10
CA TRP A 288 14.02 -44.84 -1.14
C TRP A 288 15.12 -43.95 -1.67
N GLN A 289 15.28 -43.91 -2.98
CA GLN A 289 16.18 -42.98 -3.65
C GLN A 289 15.40 -42.13 -4.64
N ALA A 290 16.06 -41.14 -5.25
CA ALA A 290 15.39 -40.27 -6.22
C ALA A 290 14.71 -41.05 -7.34
N THR A 291 15.40 -42.07 -7.86
CA THR A 291 14.84 -42.96 -8.90
C THR A 291 13.49 -43.55 -8.51
N HIS A 292 13.39 -44.09 -7.29
CA HIS A 292 12.14 -44.66 -6.82
C HIS A 292 11.04 -43.62 -6.80
N MET A 293 11.36 -42.43 -6.30
CA MET A 293 10.37 -41.35 -6.17
C MET A 293 9.78 -40.98 -7.52
N PHE A 294 10.66 -40.83 -8.51
CA PHE A 294 10.23 -40.50 -9.88
C PHE A 294 9.42 -41.62 -10.53
N ARG A 295 9.81 -42.86 -10.26
CA ARG A 295 9.08 -43.99 -10.83
C ARG A 295 7.69 -44.16 -10.20
N VAL A 296 7.62 -43.92 -8.89
CA VAL A 296 6.35 -44.00 -8.19
C VAL A 296 5.39 -42.90 -8.70
N ALA A 297 5.90 -41.68 -8.84
CA ALA A 297 5.15 -40.56 -9.44
C ALA A 297 4.67 -40.89 -10.86
N GLU A 298 5.57 -41.39 -11.70
CA GLU A 298 5.20 -41.80 -13.06
C GLU A 298 4.03 -42.80 -13.08
N GLU A 299 4.08 -43.76 -12.17
CA GLU A 299 3.10 -44.82 -12.18
C GLU A 299 1.71 -44.29 -11.79
N PHE A 300 1.64 -43.22 -10.98
CA PHE A 300 0.35 -42.59 -10.69
C PHE A 300 -0.20 -42.03 -12.00
N PHE A 301 0.62 -41.29 -12.73
CA PHE A 301 0.21 -40.78 -14.05
C PHE A 301 -0.29 -41.87 -15.01
N THR A 302 0.44 -42.98 -15.14
CA THR A 302 -0.02 -44.05 -16.02
C THR A 302 -1.27 -44.76 -15.48
N SER A 303 -1.45 -44.80 -14.16
CA SER A 303 -2.67 -45.41 -13.59
C SER A 303 -3.93 -44.67 -14.10
N LEU A 304 -3.75 -43.39 -14.40
CA LEU A 304 -4.81 -42.55 -14.92
C LEU A 304 -4.93 -42.62 -16.44
N GLU A 305 -4.09 -43.44 -17.07
CA GLU A 305 -3.96 -43.51 -18.53
C GLU A 305 -3.44 -42.21 -19.13
N LEU A 306 -2.62 -41.50 -18.37
CA LEU A 306 -1.81 -40.41 -18.91
C LEU A 306 -0.45 -41.01 -19.40
N SER A 307 0.44 -40.17 -19.93
CA SER A 307 1.64 -40.70 -20.57
C SER A 307 2.76 -41.05 -19.59
N PRO A 308 3.51 -42.14 -19.84
CA PRO A 308 4.70 -42.37 -19.06
C PRO A 308 5.75 -41.33 -19.45
N MET A 309 6.83 -41.25 -18.69
CA MET A 309 7.96 -40.43 -19.07
C MET A 309 8.68 -41.14 -20.21
N PRO A 310 8.99 -40.41 -21.30
CA PRO A 310 9.68 -41.05 -22.42
C PRO A 310 11.15 -41.34 -22.12
N PRO A 311 11.80 -42.21 -22.93
CA PRO A 311 13.24 -42.52 -22.78
C PRO A 311 14.12 -41.27 -22.70
N GLU A 312 13.85 -40.27 -23.54
CA GLU A 312 14.57 -39.00 -23.55
C GLU A 312 14.56 -38.30 -22.20
N PHE A 313 13.46 -38.44 -21.47
CA PHE A 313 13.32 -37.88 -20.12
C PHE A 313 14.30 -38.57 -19.19
N TRP A 314 14.28 -39.89 -19.17
CA TRP A 314 15.15 -40.64 -18.26
C TRP A 314 16.65 -40.50 -18.61
N GLU A 315 16.96 -40.45 -19.89
CA GLU A 315 18.36 -40.28 -20.31
C GLU A 315 18.89 -38.87 -20.04
N GLY A 316 18.03 -37.86 -20.20
CA GLY A 316 18.48 -36.46 -20.17
C GLY A 316 18.32 -35.72 -18.87
N SER A 317 17.40 -36.17 -18.02
CA SER A 317 17.08 -35.46 -16.78
C SER A 317 18.21 -35.51 -15.74
N MET A 318 18.31 -34.45 -14.94
CA MET A 318 19.22 -34.46 -13.79
C MET A 318 18.37 -34.64 -12.53
N LEU A 319 18.45 -35.81 -11.92
CA LEU A 319 17.52 -36.15 -10.82
C LEU A 319 18.12 -36.09 -9.42
N GLU A 320 19.43 -35.90 -9.35
CA GLU A 320 20.15 -35.67 -8.09
C GLU A 320 21.15 -34.56 -8.30
N LYS A 321 21.51 -33.88 -7.22
CA LYS A 321 22.65 -32.95 -7.24
C LYS A 321 23.92 -33.73 -7.67
N PRO A 322 24.65 -33.24 -8.70
CA PRO A 322 25.87 -33.93 -9.12
C PRO A 322 26.91 -34.05 -8.02
N ALA A 323 27.54 -35.22 -7.95
CA ALA A 323 28.54 -35.53 -6.94
C ALA A 323 29.93 -35.04 -7.32
N ASP A 324 30.19 -34.93 -8.63
CA ASP A 324 31.46 -34.35 -9.12
C ASP A 324 31.54 -32.86 -8.78
N GLY A 325 32.66 -32.23 -9.14
CA GLY A 325 32.88 -30.81 -8.84
C GLY A 325 32.12 -29.89 -9.78
N ARG A 326 30.80 -29.85 -9.63
CA ARG A 326 29.95 -29.11 -10.54
C ARG A 326 28.95 -28.24 -9.81
N GLU A 327 28.84 -26.99 -10.25
CA GLU A 327 27.80 -26.11 -9.73
C GLU A 327 26.60 -26.18 -10.66
N VAL A 328 25.41 -26.29 -10.07
CA VAL A 328 24.15 -26.38 -10.78
C VAL A 328 23.12 -25.48 -10.11
N VAL A 329 22.07 -25.14 -10.85
CA VAL A 329 20.89 -24.53 -10.29
C VAL A 329 20.09 -25.66 -9.65
N CYS A 330 20.01 -25.67 -8.33
CA CYS A 330 19.31 -26.77 -7.66
C CYS A 330 17.80 -26.59 -7.59
N HIS A 331 17.31 -25.37 -7.69
CA HIS A 331 15.87 -25.12 -7.65
C HIS A 331 15.22 -25.90 -8.76
N ALA A 332 14.22 -26.71 -8.40
CA ALA A 332 13.61 -27.69 -9.32
C ALA A 332 12.91 -27.01 -10.49
N SER A 333 12.97 -27.66 -11.66
CA SER A 333 12.30 -27.15 -12.85
C SER A 333 12.02 -28.25 -13.84
N ALA A 334 11.04 -27.98 -14.71
CA ALA A 334 10.58 -28.91 -15.72
C ALA A 334 10.73 -28.24 -17.09
N TRP A 335 11.30 -28.97 -18.04
CA TRP A 335 11.84 -28.37 -19.27
C TRP A 335 11.19 -28.95 -20.51
N ASP A 336 10.74 -28.06 -21.39
CA ASP A 336 10.25 -28.42 -22.70
C ASP A 336 11.25 -27.82 -23.68
N PHE A 337 11.83 -28.66 -24.53
CA PHE A 337 12.86 -28.23 -25.47
C PHE A 337 12.29 -27.77 -26.79
N TYR A 338 10.97 -27.87 -26.91
CA TYR A 338 10.23 -27.40 -28.09
C TYR A 338 10.58 -28.15 -29.38
N ASN A 339 11.05 -29.40 -29.25
CA ASN A 339 11.29 -30.27 -30.40
C ASN A 339 10.37 -31.50 -30.38
N ARG A 340 9.36 -31.45 -29.51
CA ARG A 340 8.38 -32.54 -29.32
C ARG A 340 8.97 -33.90 -28.95
N LYS A 341 10.23 -33.91 -28.50
CA LYS A 341 10.94 -35.14 -28.18
C LYS A 341 11.64 -35.06 -26.82
N ASP A 342 12.25 -33.93 -26.54
CA ASP A 342 13.01 -33.78 -25.32
C ASP A 342 12.26 -32.97 -24.26
N PHE A 343 12.10 -33.63 -23.11
CA PHE A 343 11.44 -33.08 -21.94
C PHE A 343 12.25 -33.58 -20.77
N ARG A 344 12.56 -32.70 -19.83
CA ARG A 344 13.42 -33.09 -18.70
C ARG A 344 13.02 -32.41 -17.41
N ILE A 345 13.31 -33.07 -16.30
CA ILE A 345 13.30 -32.41 -15.00
C ILE A 345 14.76 -32.24 -14.52
N LYS A 346 15.03 -31.11 -13.88
CA LYS A 346 16.27 -30.87 -13.19
C LYS A 346 15.90 -30.61 -11.72
N GLN A 347 16.18 -31.58 -10.84
CA GLN A 347 15.85 -31.46 -9.43
C GLN A 347 16.93 -32.10 -8.58
N CYS A 348 17.40 -31.38 -7.56
CA CYS A 348 18.38 -31.90 -6.61
C CYS A 348 17.64 -32.68 -5.52
N THR A 349 17.13 -33.85 -5.90
CA THR A 349 16.15 -34.57 -5.11
C THR A 349 16.69 -35.05 -3.78
N ARG A 350 15.93 -34.81 -2.72
CA ARG A 350 16.22 -35.32 -1.38
C ARG A 350 15.11 -36.28 -0.95
N VAL A 351 15.45 -37.25 -0.11
CA VAL A 351 14.49 -38.30 0.27
C VAL A 351 13.64 -37.82 1.44
N THR A 352 12.52 -37.16 1.09
CA THR A 352 11.56 -36.68 2.08
C THR A 352 10.16 -36.75 1.48
N MET A 353 9.17 -36.76 2.35
CA MET A 353 7.76 -36.74 1.90
C MET A 353 7.45 -35.49 1.07
N ASP A 354 7.89 -34.32 1.51
CA ASP A 354 7.60 -33.08 0.74
C ASP A 354 8.31 -33.09 -0.62
N GLN A 355 9.49 -33.69 -0.67
CA GLN A 355 10.19 -33.89 -1.96
C GLN A 355 9.48 -34.86 -2.88
N LEU A 356 8.81 -35.87 -2.31
CA LEU A 356 7.97 -36.75 -3.10
C LEU A 356 6.83 -35.95 -3.76
N SER A 357 6.21 -35.05 -2.99
CA SER A 357 5.18 -34.16 -3.54
C SER A 357 5.79 -33.23 -4.61
N THR A 358 7.02 -32.76 -4.39
CA THR A 358 7.73 -31.92 -5.36
C THR A 358 7.97 -32.65 -6.67
N VAL A 359 8.30 -33.93 -6.60
CA VAL A 359 8.49 -34.74 -7.82
C VAL A 359 7.19 -34.75 -8.63
N HIS A 360 6.07 -34.96 -7.95
CA HIS A 360 4.73 -34.92 -8.58
C HIS A 360 4.46 -33.57 -9.25
N HIS A 361 4.80 -32.50 -8.54
CA HIS A 361 4.66 -31.14 -9.04
C HIS A 361 5.39 -30.96 -10.38
N GLU A 362 6.67 -31.33 -10.43
CA GLU A 362 7.47 -31.16 -11.66
C GLU A 362 6.99 -32.09 -12.77
N MET A 363 6.62 -33.30 -12.39
CA MET A 363 6.09 -34.27 -13.35
C MET A 363 4.74 -33.81 -13.92
N GLY A 364 3.99 -33.04 -13.14
CA GLY A 364 2.75 -32.41 -13.65
C GLY A 364 3.03 -31.49 -14.84
N HIS A 365 4.09 -30.69 -14.74
CA HIS A 365 4.57 -29.82 -15.82
C HIS A 365 4.95 -30.62 -17.08
N ILE A 366 5.76 -31.67 -16.89
CA ILE A 366 6.12 -32.57 -17.98
C ILE A 366 4.89 -33.17 -18.67
N GLN A 367 3.93 -33.64 -17.87
CA GLN A 367 2.76 -34.29 -18.43
C GLN A 367 1.98 -33.31 -19.31
N TYR A 368 1.88 -32.07 -18.86
CA TYR A 368 1.28 -31.01 -19.66
C TYR A 368 2.01 -30.93 -21.02
N TYR A 369 3.35 -30.88 -20.98
CA TYR A 369 4.16 -30.81 -22.22
C TYR A 369 3.92 -31.97 -23.17
N LEU A 370 3.80 -33.17 -22.61
CA LEU A 370 3.60 -34.38 -23.40
C LEU A 370 2.22 -34.38 -24.06
N GLN A 371 1.23 -33.83 -23.36
CA GLN A 371 -0.14 -33.82 -23.86
C GLN A 371 -0.39 -32.77 -24.96
N TYR A 372 0.31 -31.64 -24.90
CA TYR A 372 0.13 -30.60 -25.92
C TYR A 372 1.27 -30.46 -26.93
N LYS A 373 2.17 -31.43 -26.97
CA LYS A 373 3.37 -31.35 -27.82
C LYS A 373 3.08 -31.27 -29.33
N ASP A 374 1.89 -31.68 -29.75
CA ASP A 374 1.58 -31.66 -31.20
C ASP A 374 0.82 -30.42 -31.69
N LEU A 375 0.48 -29.52 -30.76
CA LEU A 375 -0.18 -28.26 -31.11
C LEU A 375 0.82 -27.26 -31.67
N PRO A 376 0.32 -26.28 -32.47
CA PRO A 376 1.14 -25.15 -32.88
C PRO A 376 1.85 -24.58 -31.67
N VAL A 377 3.10 -24.18 -31.85
CA VAL A 377 4.00 -23.83 -30.73
C VAL A 377 3.45 -22.74 -29.78
N SER A 378 2.62 -21.84 -30.30
CA SER A 378 2.09 -20.76 -29.48
C SER A 378 0.97 -21.22 -28.55
N LEU A 379 0.41 -22.40 -28.81
CA LEU A 379 -0.60 -22.97 -27.95
C LEU A 379 -0.02 -23.97 -26.92
N ARG A 380 1.31 -24.05 -26.85
CA ARG A 380 1.99 -24.96 -25.91
C ARG A 380 2.26 -24.24 -24.60
N ARG A 381 1.17 -23.94 -23.90
CA ARG A 381 1.25 -23.30 -22.59
C ARG A 381 0.07 -23.81 -21.80
N GLY A 382 0.01 -23.48 -20.51
CA GLY A 382 -1.18 -23.82 -19.73
C GLY A 382 -2.32 -22.91 -20.15
N ALA A 383 -3.56 -23.27 -19.80
CA ALA A 383 -4.70 -22.39 -20.03
C ALA A 383 -4.43 -21.02 -19.37
N ASN A 384 -3.82 -21.06 -18.20
CA ASN A 384 -3.08 -19.91 -17.65
C ASN A 384 -1.94 -20.53 -16.83
N PRO A 385 -0.94 -19.71 -16.40
CA PRO A 385 0.20 -20.33 -15.74
C PRO A 385 -0.16 -21.09 -14.44
N GLY A 386 -1.23 -20.64 -13.78
CA GLY A 386 -1.80 -21.33 -12.62
C GLY A 386 -2.25 -22.77 -12.90
N PHE A 387 -2.83 -23.01 -14.08
CA PHE A 387 -3.17 -24.37 -14.49
C PHE A 387 -1.92 -25.26 -14.54
N HIS A 388 -0.82 -24.73 -15.07
CA HIS A 388 0.40 -25.52 -15.23
C HIS A 388 0.94 -25.94 -13.87
N GLU A 389 0.86 -25.00 -12.92
CA GLU A 389 1.32 -25.20 -11.57
C GLU A 389 0.42 -26.14 -10.76
N ALA A 390 -0.86 -26.26 -11.13
CA ALA A 390 -1.81 -27.08 -10.38
C ALA A 390 -1.76 -28.58 -10.65
N ILE A 391 -1.32 -28.97 -11.86
CA ILE A 391 -1.54 -30.36 -12.33
C ILE A 391 -0.93 -31.38 -11.37
N GLY A 392 0.35 -31.20 -11.03
CA GLY A 392 1.08 -32.18 -10.23
C GLY A 392 0.61 -32.16 -8.78
N ASP A 393 0.24 -30.98 -8.29
CA ASP A 393 -0.27 -30.82 -6.92
C ASP A 393 -1.59 -31.58 -6.74
N VAL A 394 -2.45 -31.54 -7.76
CA VAL A 394 -3.70 -32.28 -7.76
C VAL A 394 -3.43 -33.78 -7.48
N LEU A 395 -2.51 -34.39 -8.22
CA LEU A 395 -2.19 -35.80 -7.98
C LEU A 395 -1.58 -36.02 -6.59
N ALA A 396 -0.74 -35.08 -6.16
CA ALA A 396 -0.07 -35.21 -4.86
C ALA A 396 -1.07 -35.18 -3.70
N LEU A 397 -2.21 -34.52 -3.91
CA LEU A 397 -3.28 -34.54 -2.91
C LEU A 397 -3.83 -35.97 -2.68
N SER A 398 -4.04 -36.72 -3.76
CA SER A 398 -4.42 -38.13 -3.66
C SER A 398 -3.31 -38.97 -3.05
N VAL A 399 -2.06 -38.70 -3.44
CA VAL A 399 -0.91 -39.49 -2.98
C VAL A 399 -0.70 -39.40 -1.47
N SER A 400 -0.88 -38.21 -0.91
CA SER A 400 -0.63 -38.01 0.52
C SER A 400 -1.74 -38.53 1.45
N THR A 401 -2.88 -38.93 0.91
CA THR A 401 -3.90 -39.56 1.76
C THR A 401 -3.34 -40.81 2.47
N PRO A 402 -3.66 -40.97 3.77
CA PRO A 402 -3.21 -42.16 4.48
C PRO A 402 -3.58 -43.46 3.75
N GLU A 403 -4.74 -43.52 3.11
CA GLU A 403 -5.09 -44.76 2.41
C GLU A 403 -4.15 -45.00 1.23
N HIS A 404 -3.78 -43.95 0.50
CA HIS A 404 -2.85 -44.14 -0.63
C HIS A 404 -1.43 -44.50 -0.16
N LEU A 405 -0.95 -43.79 0.86
CA LEU A 405 0.36 -44.10 1.45
C LEU A 405 0.42 -45.56 1.91
N HIS A 406 -0.71 -46.09 2.39
CA HIS A 406 -0.76 -47.50 2.79
C HIS A 406 -0.60 -48.42 1.58
N LYS A 407 -1.25 -48.07 0.47
CA LYS A 407 -1.18 -48.83 -0.78
C LYS A 407 0.23 -48.88 -1.35
N ILE A 408 1.00 -47.82 -1.17
CA ILE A 408 2.37 -47.80 -1.66
C ILE A 408 3.41 -48.17 -0.59
N GLY A 409 2.94 -48.76 0.51
CA GLY A 409 3.84 -49.36 1.51
C GLY A 409 4.54 -48.38 2.44
N LEU A 410 4.00 -47.17 2.55
CA LEU A 410 4.62 -46.16 3.41
C LEU A 410 3.91 -45.91 4.74
N LEU A 411 2.85 -46.66 4.99
CA LEU A 411 2.06 -46.47 6.20
C LEU A 411 1.24 -47.71 6.49
N ASP A 412 1.38 -48.27 7.69
CA ASP A 412 0.46 -49.34 8.11
C ASP A 412 -0.97 -48.84 8.31
N ARG A 413 -1.92 -49.62 7.81
CA ARG A 413 -3.33 -49.23 7.69
C ARG A 413 -3.79 -48.29 8.80
N VAL A 414 -4.32 -47.13 8.42
CA VAL A 414 -4.78 -46.12 9.37
C VAL A 414 -6.28 -46.22 9.56
N THR A 415 -6.78 -45.76 10.70
CA THR A 415 -8.20 -45.82 11.02
C THR A 415 -8.94 -44.62 10.44
N ASN A 416 -10.24 -44.80 10.21
CA ASN A 416 -11.18 -43.79 9.70
C ASN A 416 -11.72 -42.99 10.89
N ASP A 417 -10.86 -42.50 11.78
CA ASP A 417 -11.37 -41.85 12.98
C ASP A 417 -11.17 -40.33 12.95
N THR A 418 -11.91 -39.61 13.79
CA THR A 418 -11.92 -38.14 13.73
C THR A 418 -10.57 -37.56 14.15
N GLU A 419 -9.88 -38.23 15.06
CA GLU A 419 -8.53 -37.78 15.45
C GLU A 419 -7.53 -37.85 14.29
N SER A 420 -7.56 -38.96 13.55
CA SER A 420 -6.67 -39.15 12.41
C SER A 420 -6.95 -38.16 11.30
N ASP A 421 -8.24 -37.86 11.09
CA ASP A 421 -8.68 -36.84 10.12
C ASP A 421 -8.14 -35.46 10.46
N ILE A 422 -8.25 -35.08 11.73
CA ILE A 422 -7.70 -33.80 12.19
C ILE A 422 -6.18 -33.75 12.02
N ASN A 423 -5.47 -34.85 12.32
CA ASN A 423 -4.02 -34.87 12.12
C ASN A 423 -3.70 -34.66 10.64
N TYR A 424 -4.43 -35.37 9.79
CA TYR A 424 -4.16 -35.27 8.36
C TYR A 424 -4.45 -33.87 7.82
N LEU A 425 -5.64 -33.37 8.12
CA LEU A 425 -6.01 -32.03 7.69
C LEU A 425 -5.11 -30.93 8.27
N LEU A 426 -4.65 -31.10 9.52
CA LEU A 426 -3.68 -30.17 10.05
C LEU A 426 -2.37 -30.22 9.29
N LYS A 427 -1.88 -31.43 9.02
CA LYS A 427 -0.68 -31.58 8.20
C LYS A 427 -0.83 -30.90 6.83
N MET A 428 -1.98 -31.12 6.18
CA MET A 428 -2.24 -30.52 4.89
C MET A 428 -2.37 -28.99 5.01
N ALA A 429 -2.90 -28.51 6.13
CA ALA A 429 -2.98 -27.07 6.36
C ALA A 429 -1.59 -26.40 6.46
N LEU A 430 -0.65 -27.09 7.11
CA LEU A 430 0.71 -26.57 7.25
C LEU A 430 1.37 -26.40 5.88
N GLU A 431 0.99 -27.25 4.95
CA GLU A 431 1.53 -27.23 3.61
C GLU A 431 0.76 -26.25 2.70
N LYS A 432 -0.56 -26.26 2.79
CA LYS A 432 -1.39 -25.54 1.82
C LYS A 432 -1.90 -24.19 2.33
N ILE A 433 -2.44 -24.16 3.55
CA ILE A 433 -2.98 -22.91 4.14
C ILE A 433 -1.85 -21.94 4.46
N ALA A 434 -0.79 -22.45 5.08
CA ALA A 434 0.35 -21.62 5.45
C ALA A 434 0.98 -20.90 4.26
N PHE A 435 0.95 -21.53 3.09
CA PHE A 435 1.52 -20.93 1.87
C PHE A 435 0.73 -19.74 1.33
N LEU A 436 -0.58 -19.72 1.52
CA LEU A 436 -1.45 -18.75 0.83
C LEU A 436 -1.01 -17.28 0.93
N PRO A 437 -0.74 -16.78 2.15
CA PRO A 437 -0.27 -15.41 2.27
C PRO A 437 1.03 -15.17 1.49
N PHE A 438 1.95 -16.13 1.52
CA PHE A 438 3.20 -15.95 0.82
C PHE A 438 2.95 -15.95 -0.68
N GLY A 439 2.18 -16.92 -1.17
CA GLY A 439 1.85 -17.00 -2.58
C GLY A 439 1.21 -15.72 -3.10
N TYR A 440 0.46 -15.04 -2.23
CA TYR A 440 -0.24 -13.79 -2.56
C TYR A 440 0.70 -12.58 -2.51
N LEU A 441 1.60 -12.55 -1.53
CA LEU A 441 2.36 -11.33 -1.27
C LEU A 441 3.54 -11.06 -2.22
N VAL A 442 4.17 -12.12 -2.72
CA VAL A 442 5.43 -11.98 -3.46
C VAL A 442 5.24 -11.06 -4.65
N ASP A 443 4.21 -11.30 -5.44
CA ASP A 443 3.97 -10.43 -6.59
C ASP A 443 3.28 -9.12 -6.23
N GLN A 444 2.62 -9.03 -5.08
CA GLN A 444 2.23 -7.69 -4.62
C GLN A 444 3.49 -6.83 -4.47
N TRP A 445 4.52 -7.40 -3.83
CA TRP A 445 5.80 -6.70 -3.68
C TRP A 445 6.40 -6.31 -5.04
N ARG A 446 6.46 -7.28 -5.93
CA ARG A 446 7.08 -7.10 -7.25
C ARG A 446 6.29 -6.17 -8.17
N TRP A 447 4.96 -6.25 -8.13
CA TRP A 447 4.11 -5.29 -8.85
C TRP A 447 4.36 -3.85 -8.38
N GLY A 448 4.55 -3.65 -7.08
CA GLY A 448 4.88 -2.32 -6.53
C GLY A 448 6.23 -1.81 -7.00
N VAL A 449 7.18 -2.72 -7.15
CA VAL A 449 8.51 -2.40 -7.66
C VAL A 449 8.49 -2.02 -9.16
N PHE A 450 7.78 -2.81 -9.95
CA PHE A 450 7.65 -2.53 -11.38
C PHE A 450 6.89 -1.23 -11.63
N SER A 451 5.93 -0.92 -10.77
CA SER A 451 5.10 0.28 -10.96
C SER A 451 5.78 1.55 -10.45
N GLY A 452 6.83 1.38 -9.64
CA GLY A 452 7.53 2.51 -9.03
C GLY A 452 7.01 2.94 -7.68
N ARG A 453 5.94 2.31 -7.18
CA ARG A 453 5.46 2.62 -5.83
C ARG A 453 6.51 2.22 -4.79
N THR A 454 7.29 1.18 -5.10
CA THR A 454 8.40 0.70 -4.26
C THR A 454 9.74 0.92 -4.98
N PRO A 455 10.37 2.08 -4.73
CA PRO A 455 11.70 2.36 -5.29
C PRO A 455 12.76 1.55 -4.54
N PRO A 456 14.00 1.51 -5.05
CA PRO A 456 15.08 0.79 -4.34
C PRO A 456 15.26 1.21 -2.88
N SER A 457 15.00 2.47 -2.54
CA SER A 457 15.09 2.94 -1.14
C SER A 457 14.09 2.27 -0.17
N ARG A 458 13.07 1.60 -0.70
CA ARG A 458 12.05 0.91 0.12
C ARG A 458 11.86 -0.59 -0.19
N TYR A 459 12.79 -1.18 -0.93
CA TYR A 459 12.72 -2.63 -1.29
C TYR A 459 12.47 -3.49 -0.06
N ASN A 460 13.29 -3.31 0.97
CA ASN A 460 13.20 -4.15 2.15
C ASN A 460 12.09 -3.74 3.11
N PHE A 461 11.92 -2.43 3.30
CA PHE A 461 10.86 -1.89 4.14
C PHE A 461 9.49 -2.41 3.65
N ASP A 462 9.25 -2.39 2.35
CA ASP A 462 7.98 -2.82 1.77
C ASP A 462 7.84 -4.35 1.72
N TRP A 463 8.96 -5.05 1.54
CA TRP A 463 8.98 -6.51 1.66
C TRP A 463 8.52 -6.93 3.04
N TRP A 464 9.14 -6.39 4.07
CA TRP A 464 8.78 -6.77 5.42
C TRP A 464 7.43 -6.24 5.86
N TYR A 465 7.00 -5.11 5.27
CA TYR A 465 5.63 -4.66 5.49
C TYR A 465 4.66 -5.77 5.07
N LEU A 466 4.86 -6.27 3.85
CA LEU A 466 4.00 -7.31 3.31
C LEU A 466 4.12 -8.64 4.04
N ARG A 467 5.35 -8.98 4.46
CA ARG A 467 5.61 -10.25 5.13
C ARG A 467 4.90 -10.27 6.47
N THR A 468 4.96 -9.15 7.18
CA THR A 468 4.25 -9.03 8.45
C THR A 468 2.73 -8.92 8.26
N LYS A 469 2.30 -8.10 7.30
CA LYS A 469 0.87 -7.92 7.05
C LYS A 469 0.15 -9.24 6.76
N TYR A 470 0.73 -10.05 5.89
CA TYR A 470 0.07 -11.26 5.42
C TYR A 470 0.49 -12.50 6.20
N GLN A 471 1.79 -12.70 6.38
CA GLN A 471 2.26 -13.92 7.03
C GLN A 471 2.31 -13.81 8.54
N GLY A 472 2.37 -12.59 9.07
CA GLY A 472 2.42 -12.45 10.54
C GLY A 472 3.74 -13.00 11.07
N ILE A 473 4.80 -12.68 10.35
CA ILE A 473 6.15 -13.02 10.76
C ILE A 473 7.06 -11.77 10.83
N CYS A 474 8.19 -11.92 11.51
CA CYS A 474 9.15 -10.83 11.66
C CYS A 474 10.56 -11.38 11.48
N PRO A 475 11.50 -10.54 10.99
CA PRO A 475 12.87 -11.00 10.83
C PRO A 475 13.50 -11.20 12.20
N PRO A 476 14.27 -12.30 12.37
CA PRO A 476 14.84 -12.59 13.69
C PRO A 476 16.09 -11.76 14.02
N VAL A 477 16.61 -11.03 13.03
CA VAL A 477 17.63 -10.00 13.27
C VAL A 477 17.19 -8.72 12.56
N THR A 478 17.80 -7.60 12.95
CA THR A 478 17.49 -6.31 12.35
C THR A 478 17.89 -6.31 10.89
N ARG A 479 17.03 -5.73 10.05
CA ARG A 479 17.32 -5.56 8.63
C ARG A 479 17.29 -4.07 8.32
N ASN A 480 17.96 -3.67 7.25
CA ASN A 480 17.92 -2.29 6.78
C ASN A 480 17.97 -2.35 5.25
N GLU A 481 18.07 -1.21 4.57
CA GLU A 481 17.95 -1.20 3.10
C GLU A 481 19.18 -1.68 2.33
N THR A 482 20.24 -2.00 3.04
CA THR A 482 21.38 -2.69 2.45
C THR A 482 21.01 -4.16 2.20
N HIS A 483 20.18 -4.72 3.07
CA HIS A 483 19.59 -6.04 2.85
C HIS A 483 18.52 -6.00 1.78
N PHE A 484 18.38 -7.12 1.08
CA PHE A 484 17.46 -7.25 -0.02
C PHE A 484 16.88 -8.65 0.11
N ASP A 485 16.03 -8.79 1.11
CA ASP A 485 15.50 -10.09 1.49
C ASP A 485 14.62 -10.75 0.42
N ALA A 486 13.87 -9.96 -0.36
CA ALA A 486 13.14 -10.52 -1.51
C ALA A 486 14.07 -11.26 -2.49
N GLY A 487 15.30 -10.77 -2.62
CA GLY A 487 16.30 -11.35 -3.51
C GLY A 487 16.76 -12.73 -3.10
N ALA A 488 16.53 -13.08 -1.83
CA ALA A 488 16.93 -14.37 -1.29
C ALA A 488 15.88 -15.47 -1.52
N LYS A 489 14.87 -15.13 -2.31
CA LYS A 489 13.88 -16.08 -2.81
C LYS A 489 14.12 -16.29 -4.31
N PHE A 490 14.24 -17.56 -4.71
CA PHE A 490 14.60 -17.95 -6.10
C PHE A 490 14.00 -17.11 -7.21
N HIS A 491 12.68 -16.96 -7.16
CA HIS A 491 11.91 -16.47 -8.28
C HIS A 491 12.18 -15.01 -8.58
N VAL A 492 12.67 -14.28 -7.58
CA VAL A 492 12.97 -12.84 -7.74
C VAL A 492 14.19 -12.59 -8.67
N PRO A 493 15.39 -13.06 -8.28
CA PRO A 493 16.52 -12.93 -9.24
C PRO A 493 16.36 -13.75 -10.53
N ASN A 494 15.52 -14.78 -10.50
CA ASN A 494 15.24 -15.55 -11.73
C ASN A 494 14.06 -15.04 -12.54
N VAL A 495 13.58 -13.86 -12.14
CA VAL A 495 12.62 -13.04 -12.90
C VAL A 495 11.44 -13.82 -13.46
N THR A 496 10.85 -14.64 -12.61
CA THR A 496 9.73 -15.48 -12.99
C THR A 496 8.60 -15.23 -11.98
N PRO A 497 7.35 -15.09 -12.48
CA PRO A 497 6.22 -14.61 -11.67
C PRO A 497 5.77 -15.59 -10.60
N TYR A 498 5.15 -15.05 -9.55
CA TYR A 498 4.76 -15.84 -8.39
C TYR A 498 3.25 -16.04 -8.23
N ILE A 499 2.42 -15.13 -8.76
CA ILE A 499 0.98 -15.17 -8.49
C ILE A 499 0.34 -16.48 -8.99
N ARG A 500 0.96 -17.08 -9.99
CA ARG A 500 0.58 -18.41 -10.52
C ARG A 500 0.42 -19.44 -9.39
N TYR A 501 1.23 -19.31 -8.34
CA TYR A 501 1.19 -20.27 -7.25
C TYR A 501 0.00 -20.04 -6.31
N PHE A 502 -0.34 -18.77 -6.08
CA PHE A 502 -1.59 -18.46 -5.37
C PHE A 502 -2.78 -18.96 -6.15
N VAL A 503 -2.79 -18.71 -7.46
CA VAL A 503 -3.86 -19.18 -8.32
C VAL A 503 -3.91 -20.73 -8.30
N SER A 504 -2.74 -21.35 -8.34
CA SER A 504 -2.64 -22.82 -8.31
C SER A 504 -3.26 -23.41 -7.05
N PHE A 505 -3.01 -22.78 -5.91
CA PHE A 505 -3.47 -23.33 -4.64
C PHE A 505 -4.98 -23.33 -4.49
N VAL A 506 -5.66 -22.36 -5.12
CA VAL A 506 -7.12 -22.32 -5.15
C VAL A 506 -7.60 -23.34 -6.18
N LEU A 507 -6.99 -23.26 -7.36
CA LEU A 507 -7.39 -24.06 -8.50
C LEU A 507 -7.25 -25.57 -8.21
N GLN A 508 -6.18 -25.97 -7.54
CA GLN A 508 -5.98 -27.41 -7.32
C GLN A 508 -7.12 -28.09 -6.55
N PHE A 509 -7.76 -27.35 -5.65
CA PHE A 509 -8.89 -27.91 -4.89
C PHE A 509 -10.14 -27.97 -5.75
N GLN A 510 -10.31 -26.98 -6.63
CA GLN A 510 -11.38 -27.02 -7.61
C GLN A 510 -11.23 -28.26 -8.52
N PHE A 511 -10.01 -28.50 -9.00
CA PHE A 511 -9.71 -29.65 -9.87
C PHE A 511 -9.94 -30.96 -9.14
N HIS A 512 -9.40 -31.03 -7.93
CA HIS A 512 -9.50 -32.20 -7.08
C HIS A 512 -10.96 -32.60 -6.85
N GLU A 513 -11.78 -31.61 -6.48
CA GLU A 513 -13.21 -31.83 -6.33
C GLU A 513 -13.86 -32.37 -7.62
N ALA A 514 -13.51 -31.78 -8.77
CA ALA A 514 -14.07 -32.22 -10.06
C ALA A 514 -13.63 -33.65 -10.48
N LEU A 515 -12.35 -33.96 -10.30
CA LEU A 515 -11.83 -35.29 -10.63
C LEU A 515 -12.34 -36.38 -9.67
N CYS A 516 -12.45 -36.03 -8.40
CA CYS A 516 -13.06 -36.94 -7.41
C CYS A 516 -14.52 -37.29 -7.75
N LYS A 517 -15.30 -36.30 -8.14
CA LYS A 517 -16.67 -36.54 -8.56
C LYS A 517 -16.69 -37.42 -9.82
N GLU A 518 -15.87 -37.07 -10.80
CA GLU A 518 -15.78 -37.83 -12.04
C GLU A 518 -15.37 -39.27 -11.78
N ALA A 519 -14.44 -39.48 -10.85
CA ALA A 519 -13.98 -40.81 -10.45
C ALA A 519 -15.08 -41.65 -9.78
N GLY A 520 -16.23 -41.03 -9.49
CA GLY A 520 -17.35 -41.71 -8.84
C GLY A 520 -17.13 -41.84 -7.35
N TYR A 521 -16.20 -41.07 -6.80
CA TYR A 521 -15.95 -41.09 -5.37
C TYR A 521 -17.06 -40.36 -4.60
N GLU A 522 -17.43 -40.91 -3.44
CA GLU A 522 -18.63 -40.49 -2.71
C GLU A 522 -18.39 -39.97 -1.28
N GLY A 523 -17.21 -40.21 -0.73
CA GLY A 523 -16.90 -39.81 0.65
C GLY A 523 -16.41 -38.38 0.84
N PRO A 524 -15.81 -38.08 2.02
CA PRO A 524 -15.26 -36.76 2.33
C PRO A 524 -14.17 -36.39 1.32
N LEU A 525 -14.15 -35.13 0.88
CA LEU A 525 -13.24 -34.69 -0.18
C LEU A 525 -11.75 -34.94 0.15
N HIS A 526 -11.37 -34.77 1.42
CA HIS A 526 -9.97 -34.93 1.80
C HIS A 526 -9.54 -36.41 1.88
N GLN A 527 -10.46 -37.35 1.66
CA GLN A 527 -10.10 -38.76 1.71
C GLN A 527 -10.10 -39.38 0.32
N CYS A 528 -10.41 -38.57 -0.68
CA CYS A 528 -10.44 -39.02 -2.06
C CYS A 528 -9.04 -39.36 -2.57
N ASP A 529 -8.94 -40.48 -3.29
CA ASP A 529 -7.72 -40.88 -3.98
C ASP A 529 -8.15 -41.23 -5.41
N ILE A 530 -7.71 -40.44 -6.40
CA ILE A 530 -8.11 -40.71 -7.78
C ILE A 530 -7.26 -41.78 -8.49
N TYR A 531 -6.31 -42.38 -7.77
CA TYR A 531 -5.46 -43.44 -8.33
C TYR A 531 -6.24 -44.46 -9.12
N ARG A 532 -5.74 -44.77 -10.32
CA ARG A 532 -6.36 -45.79 -11.19
C ARG A 532 -7.74 -45.40 -11.75
N SER A 533 -8.13 -44.13 -11.60
CA SER A 533 -9.41 -43.71 -12.18
C SER A 533 -9.15 -43.26 -13.60
N THR A 534 -9.50 -44.11 -14.56
CA THR A 534 -9.27 -43.76 -15.95
C THR A 534 -10.29 -42.68 -16.40
N LYS A 535 -11.47 -42.63 -15.76
CA LYS A 535 -12.42 -41.52 -15.99
C LYS A 535 -11.89 -40.17 -15.52
N ALA A 536 -11.30 -40.13 -14.33
CA ALA A 536 -10.62 -38.89 -13.87
C ALA A 536 -9.48 -38.54 -14.82
N GLY A 537 -8.74 -39.55 -15.27
CA GLY A 537 -7.63 -39.35 -16.19
C GLY A 537 -8.08 -38.73 -17.52
N ALA A 538 -9.20 -39.20 -18.05
CA ALA A 538 -9.74 -38.69 -19.31
C ALA A 538 -10.17 -37.22 -19.20
N LYS A 539 -10.78 -36.85 -18.07
CA LYS A 539 -11.17 -35.48 -17.78
C LYS A 539 -9.96 -34.53 -17.64
N LEU A 540 -8.94 -34.95 -16.90
CA LEU A 540 -7.69 -34.22 -16.82
C LEU A 540 -6.99 -34.10 -18.19
N ARG A 541 -7.00 -35.16 -18.96
CA ARG A 541 -6.33 -35.20 -20.27
C ARG A 541 -6.88 -34.13 -21.20
N LYS A 542 -8.20 -33.93 -21.18
CA LYS A 542 -8.86 -32.90 -21.98
C LYS A 542 -8.35 -31.49 -21.67
N VAL A 543 -8.14 -31.19 -20.40
CA VAL A 543 -7.51 -29.93 -20.00
C VAL A 543 -6.08 -29.84 -20.55
N LEU A 544 -5.30 -30.90 -20.35
CA LEU A 544 -3.89 -30.89 -20.75
C LEU A 544 -3.72 -30.74 -22.26
N ARG A 545 -4.54 -31.45 -23.03
CA ARG A 545 -4.42 -31.43 -24.49
C ARG A 545 -4.87 -30.11 -25.13
N ALA A 546 -5.62 -29.31 -24.38
CA ALA A 546 -6.11 -28.01 -24.84
C ALA A 546 -5.01 -26.97 -24.94
N GLY A 547 -3.97 -27.09 -24.11
CA GLY A 547 -2.94 -26.08 -24.04
C GLY A 547 -3.58 -24.72 -23.80
N SER A 548 -3.14 -23.69 -24.54
CA SER A 548 -3.77 -22.36 -24.45
C SER A 548 -4.64 -22.04 -25.65
N SER A 549 -5.17 -23.07 -26.30
CA SER A 549 -6.01 -22.88 -27.48
C SER A 549 -7.36 -22.21 -27.17
N ARG A 550 -7.78 -22.27 -25.90
CA ARG A 550 -9.08 -21.74 -25.47
C ARG A 550 -8.91 -20.90 -24.18
N PRO A 551 -9.72 -19.83 -24.01
CA PRO A 551 -9.59 -19.02 -22.79
C PRO A 551 -9.73 -19.89 -21.56
N TRP A 552 -8.95 -19.60 -20.53
CA TRP A 552 -8.93 -20.44 -19.33
C TRP A 552 -10.28 -20.52 -18.62
N GLN A 553 -11.07 -19.45 -18.71
CA GLN A 553 -12.39 -19.43 -18.06
C GLN A 553 -13.30 -20.51 -18.65
N GLU A 554 -13.13 -20.79 -19.93
CA GLU A 554 -13.96 -21.78 -20.60
C GLU A 554 -13.48 -23.18 -20.34
N VAL A 555 -12.17 -23.33 -20.28
CA VAL A 555 -11.54 -24.62 -19.95
C VAL A 555 -11.89 -25.01 -18.53
N LEU A 556 -11.87 -24.03 -17.63
CA LEU A 556 -12.25 -24.28 -16.24
C LEU A 556 -13.72 -24.67 -16.16
N LYS A 557 -14.56 -23.91 -16.87
CA LYS A 557 -16.00 -24.21 -16.90
C LYS A 557 -16.27 -25.66 -17.31
N ASP A 558 -15.61 -26.11 -18.37
CA ASP A 558 -15.79 -27.47 -18.86
C ASP A 558 -15.34 -28.53 -17.87
N MET A 559 -14.32 -28.22 -17.07
CA MET A 559 -13.76 -29.18 -16.14
C MET A 559 -14.52 -29.22 -14.81
N VAL A 560 -14.94 -28.06 -14.35
CA VAL A 560 -15.28 -27.85 -12.97
C VAL A 560 -16.73 -27.37 -12.83
N GLY A 561 -17.27 -26.81 -13.91
CA GLY A 561 -18.67 -26.33 -13.92
C GLY A 561 -18.80 -24.85 -13.57
N LEU A 562 -17.67 -24.19 -13.37
CA LEU A 562 -17.66 -22.78 -13.03
C LEU A 562 -16.56 -22.12 -13.85
N ASP A 563 -16.79 -20.89 -14.25
CA ASP A 563 -15.83 -20.20 -15.12
C ASP A 563 -14.93 -19.24 -14.34
N ALA A 564 -14.82 -19.43 -13.03
CA ALA A 564 -14.01 -18.53 -12.22
C ALA A 564 -13.26 -19.28 -11.12
N LEU A 565 -12.18 -18.67 -10.63
CA LEU A 565 -11.52 -19.16 -9.42
C LEU A 565 -12.51 -19.08 -8.27
N ASP A 566 -12.49 -20.09 -7.40
CA ASP A 566 -13.47 -20.22 -6.34
C ASP A 566 -12.77 -20.90 -5.18
N ALA A 567 -12.87 -20.28 -4.00
CA ALA A 567 -12.28 -20.80 -2.75
C ALA A 567 -13.13 -21.88 -2.07
N GLN A 568 -14.39 -22.04 -2.49
CA GLN A 568 -15.27 -22.99 -1.83
C GLN A 568 -14.73 -24.45 -1.73
N PRO A 569 -14.18 -25.01 -2.82
CA PRO A 569 -13.61 -26.36 -2.72
C PRO A 569 -12.48 -26.50 -1.68
N LEU A 570 -11.58 -25.52 -1.61
CA LEU A 570 -10.55 -25.54 -0.58
C LEU A 570 -11.16 -25.47 0.83
N LEU A 571 -12.15 -24.59 1.00
CA LEU A 571 -12.86 -24.47 2.30
C LEU A 571 -13.56 -25.77 2.66
N LYS A 572 -14.22 -26.39 1.68
CA LYS A 572 -14.91 -27.66 1.88
C LYS A 572 -13.94 -28.74 2.34
N TYR A 573 -12.78 -28.80 1.68
CA TYR A 573 -11.74 -29.78 1.95
C TYR A 573 -11.24 -29.65 3.38
N PHE A 574 -11.04 -28.41 3.82
CA PHE A 574 -10.45 -28.16 5.12
C PHE A 574 -11.46 -27.99 6.26
N GLN A 575 -12.75 -28.02 5.93
CA GLN A 575 -13.85 -27.66 6.84
C GLN A 575 -13.73 -28.22 8.28
N LEU A 576 -13.44 -29.51 8.41
CA LEU A 576 -13.31 -30.14 9.74
C LEU A 576 -12.21 -29.52 10.63
N VAL A 577 -11.05 -29.25 10.03
CA VAL A 577 -9.94 -28.70 10.81
C VAL A 577 -10.08 -27.18 10.97
N THR A 578 -10.77 -26.51 10.04
CA THR A 578 -11.08 -25.09 10.18
C THR A 578 -11.92 -24.88 11.47
N GLN A 579 -12.97 -25.67 11.63
CA GLN A 579 -13.82 -25.61 12.82
C GLN A 579 -13.04 -26.01 14.09
N TRP A 580 -12.25 -27.07 14.00
CA TRP A 580 -11.46 -27.57 15.14
C TRP A 580 -10.42 -26.56 15.67
N LEU A 581 -9.71 -25.89 14.76
CA LEU A 581 -8.69 -24.91 15.14
C LEU A 581 -9.32 -23.68 15.77
N GLN A 582 -10.47 -23.28 15.23
CA GLN A 582 -11.22 -22.15 15.75
C GLN A 582 -11.65 -22.45 17.17
N GLU A 583 -12.17 -23.66 17.40
CA GLU A 583 -12.61 -24.09 18.72
C GLU A 583 -11.45 -24.14 19.72
N GLN A 584 -10.35 -24.76 19.31
CA GLN A 584 -9.14 -24.87 20.13
C GLN A 584 -8.54 -23.50 20.51
N ASN A 585 -8.40 -22.60 19.53
CA ASN A 585 -7.87 -21.27 19.79
C ASN A 585 -8.71 -20.52 20.84
N GLN A 586 -10.04 -20.60 20.70
CA GLN A 586 -10.97 -19.96 21.64
C GLN A 586 -10.81 -20.54 23.04
N GLN A 587 -10.87 -21.86 23.14
CA GLN A 587 -10.63 -22.57 24.40
C GLN A 587 -9.28 -22.25 25.01
N ASN A 588 -8.25 -22.05 24.18
CA ASN A 588 -6.92 -21.72 24.70
C ASN A 588 -6.76 -20.24 25.03
N GLY A 589 -7.79 -19.45 24.74
CA GLY A 589 -7.73 -17.99 24.92
C GLY A 589 -6.68 -17.32 24.05
N GLU A 590 -6.56 -17.78 22.80
CA GLU A 590 -5.58 -17.18 21.88
C GLU A 590 -6.08 -15.85 21.34
N VAL A 591 -5.14 -14.96 21.08
CA VAL A 591 -5.46 -13.78 20.29
C VAL A 591 -5.10 -14.10 18.84
N LEU A 592 -6.08 -13.98 17.94
CA LEU A 592 -5.84 -14.16 16.51
C LEU A 592 -5.19 -12.93 15.94
N GLY A 593 -4.17 -13.13 15.11
CA GLY A 593 -3.45 -11.99 14.58
C GLY A 593 -2.26 -11.66 15.46
N TRP A 594 -1.61 -10.53 15.17
CA TRP A 594 -0.37 -10.15 15.82
C TRP A 594 -0.39 -8.65 16.14
N PRO A 595 -1.26 -8.24 17.08
CA PRO A 595 -1.42 -6.81 17.40
C PRO A 595 -0.12 -6.13 17.84
N GLU A 596 0.79 -6.88 18.47
CA GLU A 596 2.12 -6.34 18.81
C GLU A 596 3.03 -6.42 17.59
N TYR A 597 2.64 -5.65 16.58
CA TYR A 597 3.23 -5.71 15.24
C TYR A 597 4.69 -5.24 15.19
N GLN A 598 5.14 -4.55 16.22
CA GLN A 598 6.46 -3.93 16.21
C GLN A 598 7.47 -4.88 16.86
N TRP A 599 6.97 -5.95 17.47
CA TRP A 599 7.79 -6.86 18.25
C TRP A 599 8.78 -7.65 17.39
N HIS A 600 10.01 -7.73 17.87
CA HIS A 600 11.05 -8.61 17.29
C HIS A 600 11.69 -9.42 18.41
N PRO A 601 12.15 -10.65 18.11
CA PRO A 601 12.81 -11.41 19.17
C PRO A 601 14.20 -10.83 19.50
N PRO A 602 14.68 -11.06 20.74
CA PRO A 602 16.05 -10.65 21.02
C PRO A 602 17.04 -11.63 20.37
N LEU A 603 18.30 -11.24 20.29
CA LEU A 603 19.36 -12.15 19.84
C LEU A 603 19.69 -13.15 20.95
N PRO A 604 20.16 -14.36 20.60
CA PRO A 604 20.70 -15.27 21.62
C PRO A 604 21.89 -14.63 22.33
N ASP A 605 22.13 -14.99 23.59
CA ASP A 605 23.19 -14.35 24.39
C ASP A 605 24.57 -14.37 23.73
N ASN A 606 24.92 -15.48 23.10
CA ASN A 606 26.25 -15.66 22.51
C ASN A 606 26.30 -15.51 20.99
N TYR A 607 25.31 -14.79 20.44
CA TYR A 607 25.22 -14.51 19.01
C TYR A 607 26.46 -13.76 18.52
N PRO A 608 27.02 -14.15 17.37
CA PRO A 608 26.57 -15.22 16.46
C PRO A 608 27.28 -16.57 16.57
N GLU A 609 28.28 -16.71 17.43
CA GLU A 609 29.02 -17.97 17.54
C GLU A 609 28.24 -19.06 18.29
N GLY A 610 28.72 -20.30 18.18
CA GLY A 610 28.10 -21.45 18.84
C GLY A 610 28.62 -22.78 18.32
N LEU B 1 -39.54 17.21 10.93
CA LEU B 1 -39.29 18.33 9.98
C LEU B 1 -40.54 19.17 9.73
N ASP B 2 -40.41 20.47 9.92
CA ASP B 2 -41.46 21.44 9.65
C ASP B 2 -41.97 21.30 8.20
N PRO B 3 -43.31 21.25 8.02
CA PRO B 3 -43.94 21.21 6.70
C PRO B 3 -43.46 22.30 5.75
N GLY B 4 -43.19 23.50 6.29
CA GLY B 4 -42.66 24.62 5.51
C GLY B 4 -41.28 24.38 4.91
N LEU B 5 -40.57 23.37 5.41
CA LEU B 5 -39.26 23.00 4.92
C LEU B 5 -39.30 21.86 3.90
N GLN B 6 -40.48 21.28 3.70
CA GLN B 6 -40.64 20.13 2.81
C GLN B 6 -40.86 20.53 1.33
N PRO B 7 -40.41 19.68 0.39
CA PRO B 7 -40.42 20.10 -1.00
C PRO B 7 -41.80 20.08 -1.64
N GLY B 8 -42.09 21.10 -2.45
CA GLY B 8 -43.33 21.15 -3.23
C GLY B 8 -43.19 20.40 -4.54
N GLN B 9 -44.14 20.61 -5.44
CA GLN B 9 -44.11 19.98 -6.75
C GLN B 9 -43.49 20.89 -7.80
N PHE B 10 -42.72 20.29 -8.70
CA PHE B 10 -41.99 21.00 -9.74
C PHE B 10 -42.03 20.14 -11.01
N SER B 11 -42.19 20.79 -12.16
CA SER B 11 -42.17 20.09 -13.45
C SER B 11 -40.83 19.39 -13.65
N ALA B 12 -40.89 18.20 -14.27
CA ALA B 12 -39.71 17.36 -14.43
C ALA B 12 -38.92 17.74 -15.69
N ASP B 13 -38.36 18.95 -15.68
CA ASP B 13 -37.55 19.46 -16.78
C ASP B 13 -36.57 20.52 -16.26
N GLU B 14 -35.68 20.98 -17.14
CA GLU B 14 -34.64 21.94 -16.76
C GLU B 14 -35.19 23.19 -16.07
N ALA B 15 -36.29 23.73 -16.61
CA ALA B 15 -36.94 24.92 -16.08
C ALA B 15 -37.52 24.70 -14.67
N GLY B 16 -38.23 23.57 -14.51
CA GLY B 16 -38.76 23.14 -13.23
C GLY B 16 -37.64 22.89 -12.23
N ALA B 17 -36.55 22.30 -12.72
CA ALA B 17 -35.35 22.08 -11.89
C ALA B 17 -34.71 23.38 -11.39
N GLN B 18 -34.78 24.44 -12.18
CA GLN B 18 -34.25 25.75 -11.74
C GLN B 18 -35.08 26.29 -10.57
N LEU B 19 -36.39 26.11 -10.64
CA LEU B 19 -37.28 26.48 -9.55
C LEU B 19 -37.08 25.58 -8.33
N PHE B 20 -36.84 24.29 -8.57
CA PHE B 20 -36.55 23.31 -7.53
C PHE B 20 -35.34 23.72 -6.68
N ALA B 21 -34.25 24.09 -7.36
CA ALA B 21 -33.00 24.48 -6.69
C ALA B 21 -33.21 25.72 -5.83
N GLN B 22 -33.95 26.69 -6.37
CA GLN B 22 -34.23 27.92 -5.66
C GLN B 22 -34.97 27.65 -4.35
N SER B 23 -35.99 26.79 -4.40
CA SER B 23 -36.76 26.45 -3.21
C SER B 23 -35.95 25.62 -2.23
N TYR B 24 -35.18 24.65 -2.75
CA TYR B 24 -34.23 23.88 -1.95
C TYR B 24 -33.31 24.78 -1.13
N GLN B 25 -32.63 25.67 -1.83
CA GLN B 25 -31.59 26.51 -1.24
C GLN B 25 -32.19 27.54 -0.29
N SER B 26 -33.44 27.92 -0.57
CA SER B 26 -34.21 28.81 0.29
C SER B 26 -34.48 28.17 1.66
N SER B 27 -34.93 26.92 1.66
CA SER B 27 -35.25 26.22 2.92
C SER B 27 -33.98 25.71 3.62
N ALA B 28 -32.94 25.44 2.84
CA ALA B 28 -31.68 24.93 3.36
C ALA B 28 -30.98 25.94 4.27
N GLU B 29 -31.14 27.23 3.98
CA GLU B 29 -30.56 28.29 4.83
C GLU B 29 -30.96 28.16 6.30
N GLN B 30 -32.23 27.84 6.55
CA GLN B 30 -32.78 27.74 7.90
C GLN B 30 -32.29 26.47 8.61
N VAL B 31 -32.21 25.38 7.84
CA VAL B 31 -31.73 24.10 8.35
C VAL B 31 -30.24 24.20 8.69
N LEU B 32 -29.45 24.73 7.74
CA LEU B 32 -28.01 24.95 7.97
C LEU B 32 -27.76 25.86 9.17
N PHE B 33 -28.48 26.98 9.22
CA PHE B 33 -28.36 27.89 10.36
C PHE B 33 -28.55 27.19 11.69
N GLN B 34 -29.63 26.42 11.85
CA GLN B 34 -29.91 25.76 13.14
C GLN B 34 -28.86 24.69 13.47
N SER B 35 -28.36 24.00 12.45
CA SER B 35 -27.28 23.04 12.63
C SER B 35 -25.97 23.72 13.09
N VAL B 36 -25.57 24.78 12.39
CA VAL B 36 -24.32 25.49 12.71
C VAL B 36 -24.42 26.10 14.12
N ALA B 37 -25.54 26.74 14.42
CA ALA B 37 -25.77 27.36 15.74
C ALA B 37 -25.66 26.34 16.89
N ALA B 38 -26.23 25.16 16.68
CA ALA B 38 -26.18 24.10 17.67
C ALA B 38 -24.75 23.55 17.81
N SER B 39 -24.03 23.44 16.69
CA SER B 39 -22.62 23.06 16.75
C SER B 39 -21.78 24.09 17.51
N TRP B 40 -22.03 25.37 17.24
CA TRP B 40 -21.33 26.46 17.93
C TRP B 40 -21.54 26.36 19.43
N ALA B 41 -22.79 26.20 19.83
CA ALA B 41 -23.18 26.09 21.24
C ALA B 41 -22.49 24.95 21.95
N HIS B 42 -22.27 23.85 21.23
CA HIS B 42 -21.54 22.73 21.80
C HIS B 42 -20.03 23.02 21.88
N ASP B 43 -19.45 23.40 20.74
CA ASP B 43 -17.99 23.52 20.62
C ASP B 43 -17.36 24.59 21.50
N THR B 44 -18.15 25.61 21.86
CA THR B 44 -17.67 26.67 22.76
C THR B 44 -18.11 26.41 24.20
N ASN B 45 -18.68 25.23 24.43
CA ASN B 45 -19.25 24.89 25.73
C ASN B 45 -19.70 23.42 25.70
N ILE B 46 -18.72 22.53 25.85
CA ILE B 46 -18.95 21.10 25.73
C ILE B 46 -19.64 20.55 26.98
N THR B 47 -20.92 20.20 26.83
CA THR B 47 -21.72 19.54 27.86
C THR B 47 -22.56 18.44 27.19
N ALA B 48 -23.07 17.52 28.00
CA ALA B 48 -23.96 16.47 27.51
C ALA B 48 -25.24 17.05 26.91
N GLU B 49 -25.73 18.12 27.53
CA GLU B 49 -26.95 18.77 27.08
C GLU B 49 -26.75 19.47 25.73
N ASN B 50 -25.58 20.08 25.58
CA ASN B 50 -25.26 20.75 24.31
C ASN B 50 -25.02 19.73 23.21
N ALA B 51 -24.43 18.59 23.57
CA ALA B 51 -24.30 17.44 22.65
C ALA B 51 -25.67 16.86 22.24
N ARG B 52 -26.59 16.78 23.19
CA ARG B 52 -27.96 16.31 22.90
C ARG B 52 -28.67 17.24 21.90
N ARG B 53 -28.55 18.55 22.10
CA ARG B 53 -29.16 19.53 21.21
C ARG B 53 -28.51 19.52 19.82
N GLN B 54 -27.20 19.34 19.80
CA GLN B 54 -26.47 19.27 18.55
C GLN B 54 -26.93 18.04 17.74
N GLU B 55 -27.13 16.91 18.42
CA GLU B 55 -27.63 15.69 17.81
C GLU B 55 -29.07 15.80 17.28
N GLU B 56 -29.91 16.53 18.02
CA GLU B 56 -31.26 16.90 17.57
C GLU B 56 -31.24 17.66 16.24
N ALA B 57 -30.32 18.61 16.12
CA ALA B 57 -30.21 19.44 14.93
C ALA B 57 -29.70 18.62 13.75
N ALA B 58 -28.81 17.68 14.06
CA ALA B 58 -28.24 16.77 13.09
C ALA B 58 -29.33 15.90 12.45
N LEU B 59 -30.23 15.35 13.27
CA LEU B 59 -31.39 14.59 12.78
C LEU B 59 -32.30 15.37 11.83
N LEU B 60 -32.58 16.63 12.19
CA LEU B 60 -33.44 17.48 11.36
C LEU B 60 -32.81 17.73 9.99
N SER B 61 -31.51 18.00 9.97
CA SER B 61 -30.75 18.14 8.71
C SER B 61 -30.90 16.91 7.85
N GLN B 62 -30.78 15.75 8.48
CA GLN B 62 -30.92 14.47 7.80
C GLN B 62 -32.33 14.26 7.25
N GLU B 63 -33.34 14.63 8.04
CA GLU B 63 -34.73 14.60 7.55
C GLU B 63 -34.89 15.51 6.34
N PHE B 64 -34.32 16.71 6.43
CA PHE B 64 -34.34 17.67 5.33
C PHE B 64 -33.65 17.06 4.10
N ALA B 65 -32.42 16.57 4.28
CA ALA B 65 -31.63 16.01 3.20
C ALA B 65 -32.35 14.85 2.50
N GLU B 66 -33.02 14.01 3.29
CA GLU B 66 -33.79 12.88 2.76
C GLU B 66 -34.97 13.33 1.89
N ALA B 67 -35.76 14.28 2.39
CA ALA B 67 -36.95 14.77 1.69
C ALA B 67 -36.59 15.39 0.33
N TRP B 68 -35.53 16.20 0.31
CA TRP B 68 -35.15 16.92 -0.90
C TRP B 68 -34.36 16.02 -1.87
N GLY B 69 -33.51 15.16 -1.30
CA GLY B 69 -32.85 14.11 -2.06
C GLY B 69 -33.79 13.16 -2.79
N GLN B 70 -34.79 12.66 -2.06
CA GLN B 70 -35.85 11.81 -2.65
C GLN B 70 -36.60 12.53 -3.77
N LYS B 71 -37.00 13.76 -3.50
CA LYS B 71 -37.70 14.57 -4.47
C LYS B 71 -36.90 14.76 -5.76
N ALA B 72 -35.60 15.03 -5.63
CA ALA B 72 -34.74 15.30 -6.78
C ALA B 72 -34.52 14.07 -7.66
N LYS B 73 -34.37 12.92 -7.02
CA LYS B 73 -34.25 11.65 -7.73
C LYS B 73 -35.56 11.30 -8.43
N GLU B 74 -36.68 11.51 -7.76
CA GLU B 74 -38.01 11.30 -8.34
C GLU B 74 -38.26 12.16 -9.56
N LEU B 75 -37.86 13.42 -9.49
CA LEU B 75 -38.15 14.37 -10.56
C LEU B 75 -37.10 14.33 -11.67
N TYR B 76 -35.82 14.19 -11.30
CA TYR B 76 -34.73 14.50 -12.23
C TYR B 76 -33.65 13.42 -12.46
N GLU B 77 -33.73 12.30 -11.73
CA GLU B 77 -32.68 11.25 -11.78
C GLU B 77 -32.06 10.98 -13.17
N PRO B 78 -32.90 10.65 -14.18
CA PRO B 78 -32.29 10.29 -15.47
C PRO B 78 -32.04 11.46 -16.42
N ILE B 79 -32.51 12.67 -16.07
CA ILE B 79 -32.41 13.83 -16.98
C ILE B 79 -31.43 14.92 -16.57
N TRP B 80 -31.14 15.02 -15.27
CA TRP B 80 -30.33 16.13 -14.74
C TRP B 80 -28.92 16.19 -15.32
N GLN B 81 -28.41 15.03 -15.73
CA GLN B 81 -27.09 14.93 -16.33
C GLN B 81 -27.00 15.56 -17.72
N GLN B 82 -28.15 15.73 -18.38
CA GLN B 82 -28.20 16.33 -19.71
C GLN B 82 -28.69 17.79 -19.71
N PHE B 83 -28.76 18.42 -18.54
CA PHE B 83 -29.11 19.84 -18.47
C PHE B 83 -27.99 20.69 -19.07
N THR B 84 -28.37 21.81 -19.69
CA THR B 84 -27.40 22.69 -20.36
C THR B 84 -26.65 23.58 -19.37
N ASP B 85 -27.35 24.02 -18.31
CA ASP B 85 -26.76 24.81 -17.25
C ASP B 85 -25.81 23.93 -16.41
N PRO B 86 -24.49 24.18 -16.50
CA PRO B 86 -23.51 23.40 -15.72
C PRO B 86 -23.67 23.63 -14.21
N GLN B 87 -24.07 24.85 -13.84
CA GLN B 87 -24.26 25.26 -12.44
C GLN B 87 -25.44 24.52 -11.79
N LEU B 88 -26.50 24.31 -12.58
CA LEU B 88 -27.69 23.58 -12.13
C LEU B 88 -27.39 22.09 -11.99
N ARG B 89 -26.62 21.55 -12.94
CA ARG B 89 -26.18 20.16 -12.86
C ARG B 89 -25.42 19.87 -11.56
N ARG B 90 -24.54 20.79 -11.18
CA ARG B 90 -23.76 20.67 -9.94
C ARG B 90 -24.64 20.67 -8.69
N ILE B 91 -25.64 21.57 -8.66
CA ILE B 91 -26.56 21.68 -7.53
C ILE B 91 -27.41 20.40 -7.35
N ILE B 92 -28.01 19.92 -8.43
CA ILE B 92 -28.91 18.75 -8.35
C ILE B 92 -28.13 17.47 -7.99
N GLY B 93 -26.92 17.34 -8.55
CA GLY B 93 -26.01 16.27 -8.18
C GLY B 93 -25.69 16.25 -6.68
N ALA B 94 -25.53 17.44 -6.10
CA ALA B 94 -25.36 17.55 -4.65
C ALA B 94 -26.61 17.04 -3.92
N VAL B 95 -27.77 17.55 -4.31
CA VAL B 95 -29.06 17.20 -3.69
C VAL B 95 -29.37 15.69 -3.71
N ARG B 96 -29.09 15.05 -4.85
CA ARG B 96 -29.33 13.62 -5.01
C ARG B 96 -28.39 12.71 -4.19
N THR B 97 -27.31 13.30 -3.65
CA THR B 97 -26.42 12.59 -2.73
C THR B 97 -26.87 12.82 -1.28
N LEU B 98 -27.41 11.78 -0.67
CA LEU B 98 -28.03 11.89 0.65
C LEU B 98 -27.06 11.72 1.83
N GLY B 99 -25.96 11.01 1.59
CA GLY B 99 -24.97 10.75 2.65
C GLY B 99 -25.60 10.03 3.82
N SER B 100 -25.35 10.53 5.03
CA SER B 100 -25.87 9.91 6.26
C SER B 100 -27.40 9.91 6.32
N ALA B 101 -28.06 10.63 5.42
CA ALA B 101 -29.51 10.59 5.30
C ALA B 101 -29.99 9.27 4.68
N ASN B 102 -29.10 8.56 3.96
CA ASN B 102 -29.41 7.23 3.47
C ASN B 102 -29.60 6.21 4.59
N LEU B 103 -29.11 6.53 5.79
CA LEU B 103 -29.23 5.64 6.96
C LEU B 103 -30.64 5.62 7.54
N PRO B 104 -31.08 4.45 8.04
CA PRO B 104 -32.35 4.40 8.79
C PRO B 104 -32.20 5.21 10.08
N LEU B 105 -33.32 5.59 10.69
CA LEU B 105 -33.33 6.51 11.84
C LEU B 105 -32.39 6.08 12.98
N ALA B 106 -32.45 4.80 13.37
CA ALA B 106 -31.66 4.31 14.50
C ALA B 106 -30.15 4.44 14.23
N LYS B 107 -29.75 4.16 13.00
CA LYS B 107 -28.35 4.30 12.60
C LYS B 107 -27.96 5.76 12.39
N ARG B 108 -28.92 6.60 12.01
CA ARG B 108 -28.72 8.05 11.99
C ARG B 108 -28.38 8.56 13.39
N GLN B 109 -29.12 8.08 14.38
CA GLN B 109 -28.88 8.46 15.78
C GLN B 109 -27.51 8.00 16.26
N GLN B 110 -27.18 6.74 16.01
CA GLN B 110 -25.88 6.19 16.39
C GLN B 110 -24.72 6.96 15.75
N TYR B 111 -24.86 7.30 14.46
CA TYR B 111 -23.88 8.10 13.74
C TYR B 111 -23.65 9.46 14.39
N ASN B 112 -24.73 10.20 14.58
CA ASN B 112 -24.69 11.52 15.18
C ASN B 112 -24.09 11.45 16.59
N ALA B 113 -24.45 10.43 17.36
CA ALA B 113 -23.89 10.24 18.71
C ALA B 113 -22.40 9.87 18.70
N LEU B 114 -21.95 9.14 17.69
CA LEU B 114 -20.53 8.84 17.55
C LEU B 114 -19.68 10.08 17.31
N LEU B 115 -20.14 10.97 16.42
CA LEU B 115 -19.43 12.21 16.14
C LEU B 115 -19.27 13.03 17.43
N SER B 116 -20.35 13.08 18.20
CA SER B 116 -20.39 13.85 19.43
C SER B 116 -19.38 13.31 20.45
N GLN B 117 -19.38 11.98 20.62
CA GLN B 117 -18.51 11.31 21.60
CA GLN B 117 -18.50 11.36 21.61
C GLN B 117 -17.03 11.37 21.21
N MET B 118 -16.74 11.19 19.92
CA MET B 118 -15.34 11.28 19.44
C MET B 118 -14.80 12.70 19.59
N SER B 119 -15.64 13.68 19.25
CA SER B 119 -15.29 15.08 19.43
C SER B 119 -14.98 15.40 20.91
N ARG B 120 -15.84 14.95 21.82
CA ARG B 120 -15.62 15.16 23.25
C ARG B 120 -14.32 14.53 23.76
N ILE B 121 -14.05 13.28 23.37
CA ILE B 121 -12.84 12.58 23.82
C ILE B 121 -11.57 13.33 23.40
N TYR B 122 -11.49 13.72 22.13
CA TYR B 122 -10.32 14.45 21.66
C TYR B 122 -10.10 15.77 22.42
N SER B 123 -11.15 16.57 22.51
CA SER B 123 -11.05 17.96 22.97
C SER B 123 -11.06 18.08 24.50
N THR B 124 -11.36 16.99 25.18
CA THR B 124 -11.34 17.01 26.65
C THR B 124 -10.21 16.16 27.24
N ALA B 125 -9.47 15.42 26.40
CA ALA B 125 -8.41 14.55 26.90
C ALA B 125 -7.32 15.33 27.60
N LYS B 126 -6.74 14.75 28.63
CA LYS B 126 -5.70 15.44 29.39
C LYS B 126 -4.55 14.51 29.71
N VAL B 127 -3.38 15.09 29.97
CA VAL B 127 -2.23 14.32 30.43
C VAL B 127 -1.96 14.73 31.87
N CYS B 128 -1.94 13.76 32.78
CA CYS B 128 -1.72 14.05 34.19
C CYS B 128 -0.34 13.60 34.64
N LEU B 129 0.25 14.33 35.59
CA LEU B 129 1.66 14.14 35.95
C LEU B 129 1.97 12.90 36.79
N PRO B 130 0.91 12.24 37.30
CA PRO B 130 1.06 10.95 37.97
C PRO B 130 -0.17 10.06 37.76
N THR B 133 0.10 13.56 41.46
CA THR B 133 -0.89 14.13 40.55
C THR B 133 -1.27 15.56 40.96
N ALA B 134 -0.76 16.52 40.21
CA ALA B 134 -1.14 17.92 40.35
C ALA B 134 -2.19 18.27 39.27
N THR B 135 -2.04 19.44 38.65
CA THR B 135 -2.93 19.85 37.55
C THR B 135 -2.65 19.01 36.31
N CYS B 136 -3.69 18.75 35.53
CA CYS B 136 -3.54 17.97 34.31
C CYS B 136 -3.35 18.89 33.10
N TRP B 137 -2.47 18.47 32.20
CA TRP B 137 -2.13 19.25 31.01
C TRP B 137 -3.09 19.01 29.86
N SER B 138 -3.55 20.09 29.26
CA SER B 138 -4.40 19.99 28.09
C SER B 138 -3.54 20.17 26.83
N LEU B 139 -4.06 19.75 25.68
CA LEU B 139 -3.30 19.86 24.44
C LEU B 139 -2.90 21.32 24.16
N ASP B 140 -3.87 22.20 24.28
CA ASP B 140 -3.70 23.61 23.97
C ASP B 140 -4.16 24.34 25.22
N PRO B 141 -3.23 25.05 25.91
CA PRO B 141 -1.87 25.44 25.51
C PRO B 141 -0.74 24.51 25.96
N ASP B 142 -0.98 23.67 26.97
CA ASP B 142 0.09 23.05 27.74
C ASP B 142 1.02 22.15 26.94
N LEU B 143 0.46 21.12 26.32
CA LEU B 143 1.27 20.16 25.55
C LEU B 143 1.82 20.79 24.26
N THR B 144 1.04 21.67 23.65
CA THR B 144 1.51 22.45 22.50
C THR B 144 2.79 23.25 22.83
N ASN B 145 2.76 23.95 23.95
CA ASN B 145 3.91 24.74 24.41
C ASN B 145 5.11 23.86 24.76
N ILE B 146 4.85 22.73 25.40
CA ILE B 146 5.92 21.80 25.75
C ILE B 146 6.60 21.28 24.48
N LEU B 147 5.80 20.84 23.50
CA LEU B 147 6.38 20.32 22.25
C LEU B 147 7.11 21.39 21.44
N ALA B 148 6.69 22.64 21.56
CA ALA B 148 7.29 23.75 20.81
C ALA B 148 8.64 24.17 21.36
N SER B 149 8.79 24.11 22.68
CA SER B 149 9.94 24.77 23.31
C SER B 149 10.76 23.95 24.30
N SER B 150 10.25 22.81 24.77
CA SER B 150 11.08 21.98 25.64
C SER B 150 12.18 21.32 24.83
N ARG B 151 13.38 21.31 25.38
CA ARG B 151 14.52 20.61 24.77
C ARG B 151 14.97 19.45 25.66
N SER B 152 14.11 19.04 26.59
CA SER B 152 14.35 17.86 27.42
C SER B 152 13.71 16.64 26.78
N TYR B 153 14.55 15.68 26.41
CA TYR B 153 14.09 14.49 25.70
C TYR B 153 12.96 13.82 26.48
N ALA B 154 13.17 13.63 27.78
CA ALA B 154 12.23 12.93 28.66
C ALA B 154 10.89 13.66 28.82
N MET B 155 10.94 14.98 28.94
CA MET B 155 9.72 15.80 29.02
C MET B 155 8.92 15.77 27.71
N LEU B 156 9.61 15.92 26.59
CA LEU B 156 8.97 15.83 25.27
C LEU B 156 8.30 14.46 25.10
N LEU B 157 9.03 13.41 25.48
CA LEU B 157 8.51 12.05 25.44
C LEU B 157 7.24 11.88 26.28
N PHE B 158 7.26 12.43 27.50
CA PHE B 158 6.13 12.28 28.42
C PHE B 158 4.88 12.98 27.85
N ALA B 159 5.08 14.15 27.25
CA ALA B 159 4.00 14.88 26.61
C ALA B 159 3.49 14.11 25.37
N TRP B 160 4.40 13.65 24.51
CA TRP B 160 4.05 12.90 23.29
C TRP B 160 3.30 11.61 23.59
N GLU B 161 3.82 10.83 24.55
CA GLU B 161 3.21 9.55 24.87
C GLU B 161 1.91 9.77 25.62
N GLY B 162 1.93 10.69 26.58
CA GLY B 162 0.74 11.02 27.34
C GLY B 162 -0.40 11.39 26.44
N TRP B 163 -0.13 12.29 25.48
CA TRP B 163 -1.18 12.71 24.58
C TRP B 163 -1.71 11.58 23.70
N HIS B 164 -0.81 10.83 23.07
CA HIS B 164 -1.24 9.78 22.15
C HIS B 164 -2.05 8.70 22.85
N ASN B 165 -1.59 8.28 24.02
CA ASN B 165 -2.34 7.34 24.87
C ASN B 165 -3.72 7.87 25.32
N ALA B 166 -3.77 9.11 25.79
CA ALA B 166 -5.03 9.69 26.29
C ALA B 166 -6.09 9.86 25.21
N ALA B 167 -5.70 10.45 24.09
CA ALA B 167 -6.66 10.72 23.01
C ALA B 167 -6.98 9.47 22.20
N GLY B 168 -5.93 8.74 21.80
CA GLY B 168 -6.06 7.62 20.85
C GLY B 168 -6.75 6.38 21.34
N ILE B 169 -6.32 5.85 22.49
CA ILE B 169 -6.85 4.56 22.99
C ILE B 169 -8.40 4.50 23.11
N PRO B 170 -9.02 5.45 23.85
CA PRO B 170 -10.48 5.40 23.97
C PRO B 170 -11.23 5.69 22.66
N LEU B 171 -10.53 6.31 21.70
CA LEU B 171 -11.17 6.62 20.43
C LEU B 171 -11.39 5.40 19.52
N LYS B 172 -10.52 4.41 19.60
CA LYS B 172 -10.53 3.32 18.62
C LYS B 172 -11.86 2.59 18.46
N PRO B 173 -12.49 2.12 19.57
CA PRO B 173 -13.75 1.40 19.32
C PRO B 173 -14.83 2.25 18.65
N LEU B 174 -14.85 3.55 18.94
CA LEU B 174 -15.83 4.46 18.33
C LEU B 174 -15.51 4.69 16.86
N TYR B 175 -14.23 4.82 16.54
CA TYR B 175 -13.85 5.10 15.15
C TYR B 175 -14.19 3.94 14.22
N GLU B 176 -14.06 2.71 14.72
CA GLU B 176 -14.45 1.52 13.94
C GLU B 176 -15.94 1.57 13.58
N ASP B 177 -16.79 1.91 14.56
CA ASP B 177 -18.23 2.02 14.34
C ASP B 177 -18.60 3.12 13.37
N PHE B 178 -17.93 4.27 13.51
CA PHE B 178 -18.20 5.40 12.62
C PHE B 178 -17.88 5.04 11.16
N THR B 179 -16.72 4.38 10.96
CA THR B 179 -16.24 4.03 9.63
C THR B 179 -17.28 3.14 8.92
N ALA B 180 -17.81 2.16 9.63
CA ALA B 180 -18.79 1.23 9.08
C ALA B 180 -20.09 1.94 8.72
N LEU B 181 -20.59 2.82 9.59
CA LEU B 181 -21.81 3.58 9.30
C LEU B 181 -21.64 4.58 8.15
N SER B 182 -20.49 5.25 8.11
CA SER B 182 -20.22 6.22 7.06
C SER B 182 -20.19 5.54 5.69
N ASN B 183 -19.50 4.40 5.62
CA ASN B 183 -19.39 3.62 4.39
C ASN B 183 -20.75 3.12 3.92
N GLU B 184 -21.57 2.68 4.87
CA GLU B 184 -22.91 2.20 4.59
C GLU B 184 -23.78 3.32 4.02
N ALA B 185 -23.60 4.53 4.55
CA ALA B 185 -24.35 5.70 4.13
C ALA B 185 -24.04 6.06 2.69
N TYR B 186 -22.75 6.23 2.38
CA TYR B 186 -22.33 6.70 1.07
C TYR B 186 -22.38 5.66 -0.05
N LYS B 187 -22.33 4.38 0.33
CA LYS B 187 -22.49 3.30 -0.64
C LYS B 187 -23.85 3.39 -1.36
N GLN B 188 -24.85 3.86 -0.64
CA GLN B 188 -26.19 4.03 -1.18
C GLN B 188 -26.33 5.23 -2.12
N ASP B 189 -25.27 6.05 -2.21
CA ASP B 189 -25.24 7.11 -3.20
C ASP B 189 -24.47 6.70 -4.45
N GLY B 190 -23.93 5.48 -4.45
CA GLY B 190 -23.20 4.95 -5.60
C GLY B 190 -21.69 4.99 -5.47
N PHE B 191 -21.21 5.40 -4.30
CA PHE B 191 -19.77 5.44 -4.02
C PHE B 191 -19.30 4.10 -3.45
N THR B 192 -18.16 3.60 -3.94
CA THR B 192 -17.54 2.39 -3.39
C THR B 192 -17.27 2.50 -1.89
N ASP B 193 -16.96 3.71 -1.44
CA ASP B 193 -16.78 4.02 0.00
C ASP B 193 -16.72 5.53 0.27
N THR B 194 -16.69 5.90 1.54
CA THR B 194 -16.60 7.32 1.93
C THR B 194 -15.40 8.04 1.34
N GLY B 195 -14.23 7.39 1.39
CA GLY B 195 -13.02 7.95 0.80
C GLY B 195 -13.27 8.37 -0.64
N ALA B 196 -13.94 7.52 -1.41
CA ALA B 196 -14.24 7.82 -2.82
C ALA B 196 -15.16 9.04 -2.97
N TYR B 197 -16.10 9.20 -2.05
CA TYR B 197 -16.93 10.40 -1.99
C TYR B 197 -16.09 11.65 -1.73
N TRP B 198 -15.23 11.59 -0.72
CA TRP B 198 -14.36 12.71 -0.38
C TRP B 198 -13.51 13.14 -1.59
N ARG B 199 -12.94 12.16 -2.29
CA ARG B 199 -12.06 12.44 -3.43
C ARG B 199 -12.83 13.06 -4.58
N SER B 200 -14.12 12.74 -4.69
CA SER B 200 -14.95 13.21 -5.81
C SER B 200 -15.12 14.73 -5.85
N TRP B 201 -14.97 15.39 -4.70
CA TRP B 201 -15.04 16.85 -4.63
C TRP B 201 -14.01 17.56 -5.51
N TYR B 202 -12.98 16.84 -5.92
CA TYR B 202 -11.93 17.43 -6.74
C TYR B 202 -12.15 17.27 -8.24
N ASN B 203 -13.22 16.57 -8.61
CA ASN B 203 -13.56 16.30 -10.03
C ASN B 203 -12.36 16.14 -10.94
N SER B 204 -11.46 15.23 -10.57
CA SER B 204 -10.31 14.92 -11.40
C SER B 204 -10.25 13.42 -11.49
N PRO B 205 -10.45 12.88 -12.71
CA PRO B 205 -10.44 11.43 -12.92
C PRO B 205 -9.10 10.83 -12.51
N THR B 206 -8.08 11.69 -12.47
CA THR B 206 -6.72 11.26 -12.21
C THR B 206 -6.13 11.88 -10.91
N PHE B 207 -7.02 12.28 -9.99
CA PHE B 207 -6.66 12.91 -8.70
C PHE B 207 -5.46 12.28 -8.01
N GLU B 208 -5.57 11.00 -7.67
CA GLU B 208 -4.52 10.29 -6.93
C GLU B 208 -3.17 10.24 -7.66
N ASP B 209 -3.21 10.02 -8.98
CA ASP B 209 -2.01 10.09 -9.82
C ASP B 209 -1.38 11.48 -9.84
N ASP B 210 -2.22 12.51 -9.99
CA ASP B 210 -1.78 13.90 -9.96
C ASP B 210 -1.07 14.24 -8.65
N LEU B 211 -1.68 13.82 -7.54
CA LEU B 211 -1.10 14.00 -6.22
C LEU B 211 0.27 13.33 -6.12
N GLU B 212 0.36 12.06 -6.56
CA GLU B 212 1.62 11.32 -6.49
C GLU B 212 2.72 11.98 -7.31
N HIS B 213 2.37 12.46 -8.51
CA HIS B 213 3.31 13.18 -9.38
CA HIS B 213 3.32 13.18 -9.37
C HIS B 213 3.81 14.46 -8.71
N LEU B 214 2.91 15.16 -8.02
CA LEU B 214 3.32 16.37 -7.28
C LEU B 214 4.28 16.00 -6.15
N TYR B 215 3.95 14.94 -5.38
CA TYR B 215 4.85 14.54 -4.29
C TYR B 215 6.26 14.12 -4.75
N GLN B 216 6.35 13.44 -5.89
CA GLN B 216 7.67 13.06 -6.45
C GLN B 216 8.61 14.24 -6.68
N GLN B 217 8.07 15.37 -7.12
CA GLN B 217 8.90 16.56 -7.34
C GLN B 217 9.27 17.25 -6.04
N LEU B 218 8.43 17.07 -5.03
CA LEU B 218 8.62 17.72 -3.74
C LEU B 218 9.52 16.92 -2.80
N GLU B 219 9.53 15.59 -2.95
CA GLU B 219 10.29 14.71 -2.06
C GLU B 219 11.77 15.06 -1.77
N PRO B 220 12.59 15.36 -2.83
CA PRO B 220 14.01 15.70 -2.58
C PRO B 220 14.19 16.87 -1.61
N LEU B 221 13.31 17.86 -1.74
CA LEU B 221 13.29 19.01 -0.84
C LEU B 221 13.07 18.54 0.59
N TYR B 222 12.08 17.70 0.82
CA TYR B 222 11.84 17.18 2.16
C TYR B 222 13.04 16.36 2.65
N LEU B 223 13.55 15.46 1.81
CA LEU B 223 14.68 14.59 2.20
C LEU B 223 15.90 15.37 2.68
N ASN B 224 16.22 16.45 1.99
CA ASN B 224 17.35 17.29 2.41
C ASN B 224 17.12 18.06 3.69
N LEU B 225 15.92 18.61 3.85
CA LEU B 225 15.55 19.31 5.09
C LEU B 225 15.62 18.33 6.25
N HIS B 226 15.07 17.14 6.03
CA HIS B 226 15.03 16.06 6.99
C HIS B 226 16.44 15.73 7.50
N ALA B 227 17.38 15.52 6.57
CA ALA B 227 18.76 15.13 6.92
C ALA B 227 19.51 16.22 7.66
N PHE B 228 19.32 17.46 7.21
CA PHE B 228 19.91 18.63 7.88
C PHE B 228 19.39 18.79 9.32
N VAL B 229 18.09 18.60 9.49
CA VAL B 229 17.47 18.73 10.82
C VAL B 229 17.93 17.56 11.69
N ARG B 230 17.92 16.34 11.14
CA ARG B 230 18.43 15.18 11.87
C ARG B 230 19.84 15.40 12.45
N ARG B 231 20.74 16.01 11.69
CA ARG B 231 22.10 16.33 12.18
C ARG B 231 22.10 17.23 13.43
N ALA B 232 21.29 18.29 13.43
CA ALA B 232 21.20 19.20 14.58
C ALA B 232 20.67 18.47 15.82
N LEU B 233 19.68 17.60 15.60
CA LEU B 233 19.13 16.78 16.67
C LEU B 233 20.15 15.83 17.26
N HIS B 234 20.99 15.25 16.39
CA HIS B 234 22.02 14.29 16.84
C HIS B 234 23.00 14.93 17.82
N ARG B 235 23.49 16.11 17.44
CA ARG B 235 24.38 16.90 18.29
C ARG B 235 23.76 17.27 19.61
N ARG B 236 22.46 17.56 19.58
CA ARG B 236 21.74 17.98 20.77
C ARG B 236 21.45 16.82 21.73
N TYR B 237 20.94 15.71 21.20
CA TYR B 237 20.47 14.62 22.04
C TYR B 237 21.42 13.41 22.16
N GLY B 238 22.41 13.33 21.28
CA GLY B 238 23.40 12.27 21.36
C GLY B 238 23.09 11.06 20.51
N ASP B 239 24.09 10.21 20.35
CA ASP B 239 24.02 9.02 19.51
C ASP B 239 23.04 7.98 20.02
N ARG B 240 22.68 8.06 21.30
CA ARG B 240 21.73 7.13 21.91
C ARG B 240 20.30 7.34 21.38
N TYR B 241 19.92 8.60 21.18
CA TYR B 241 18.53 8.96 20.85
C TYR B 241 18.31 9.36 19.40
N ILE B 242 19.39 9.58 18.66
CA ILE B 242 19.30 9.92 17.23
C ILE B 242 20.15 8.96 16.39
N ASN B 243 19.58 8.47 15.29
CA ASN B 243 20.29 7.62 14.33
C ASN B 243 20.41 8.39 13.02
N LEU B 244 21.65 8.73 12.64
CA LEU B 244 21.92 9.56 11.46
C LEU B 244 21.56 8.88 10.13
N ARG B 245 21.21 7.60 10.19
CA ARG B 245 20.75 6.87 9.01
C ARG B 245 19.37 6.25 9.25
N GLY B 246 18.70 6.67 10.31
CA GLY B 246 17.35 6.18 10.64
C GLY B 246 16.29 7.27 10.73
N PRO B 247 15.03 6.88 10.98
CA PRO B 247 13.98 7.89 11.16
C PRO B 247 14.18 8.72 12.43
N ILE B 248 13.71 9.97 12.39
CA ILE B 248 13.78 10.87 13.54
C ILE B 248 12.70 10.50 14.56
N PRO B 249 13.04 10.41 15.86
CA PRO B 249 11.97 10.22 16.86
C PRO B 249 10.89 11.30 16.75
N ALA B 250 9.62 10.89 16.78
CA ALA B 250 8.47 11.72 16.37
C ALA B 250 8.16 12.93 17.28
N HIS B 251 8.81 13.01 18.43
CA HIS B 251 8.50 14.02 19.44
C HIS B 251 9.51 15.16 19.49
N LEU B 252 10.48 15.16 18.58
CA LEU B 252 11.63 16.07 18.69
C LEU B 252 11.59 17.25 17.75
N LEU B 253 10.50 17.37 16.99
CA LEU B 253 10.46 18.28 15.83
C LEU B 253 9.60 19.54 16.00
N GLY B 254 9.20 19.81 17.24
CA GLY B 254 8.60 21.09 17.62
C GLY B 254 7.08 21.09 17.63
N ASP B 255 6.49 19.94 17.34
CA ASP B 255 5.05 19.81 17.09
C ASP B 255 4.59 18.40 17.47
N MET B 256 3.39 18.29 18.05
CA MET B 256 2.85 17.00 18.52
C MET B 256 2.79 15.92 17.42
N TRP B 257 2.56 16.37 16.18
CA TRP B 257 2.44 15.47 15.03
C TRP B 257 3.67 15.51 14.13
N ALA B 258 4.69 16.25 14.55
CA ALA B 258 5.90 16.47 13.73
C ALA B 258 5.52 17.02 12.36
N GLN B 259 4.41 17.76 12.27
CA GLN B 259 3.86 18.15 10.97
C GLN B 259 4.44 19.47 10.46
N SER B 260 5.00 20.23 11.39
CA SER B 260 5.50 21.56 11.13
C SER B 260 6.70 21.76 12.03
N TRP B 261 7.83 22.21 11.49
CA TRP B 261 9.06 22.23 12.30
C TRP B 261 9.57 23.60 12.68
N GLU B 262 8.80 24.64 12.39
CA GLU B 262 9.23 26.01 12.64
C GLU B 262 9.66 26.25 14.10
N ASN B 263 9.02 25.57 15.04
CA ASN B 263 9.32 25.73 16.46
C ASN B 263 10.70 25.22 16.92
N ILE B 264 11.39 24.43 16.09
CA ILE B 264 12.80 24.10 16.41
C ILE B 264 13.76 24.93 15.57
N TYR B 265 13.26 26.02 14.99
CA TYR B 265 14.13 26.97 14.29
C TYR B 265 15.33 27.43 15.13
N ASP B 266 15.12 27.68 16.43
CA ASP B 266 16.23 28.13 17.29
C ASP B 266 17.34 27.08 17.51
N MET B 267 17.06 25.82 17.16
CA MET B 267 18.06 24.74 17.23
C MET B 267 18.83 24.57 15.93
N VAL B 268 18.22 24.96 14.80
CA VAL B 268 18.76 24.65 13.48
C VAL B 268 19.21 25.89 12.67
N VAL B 269 18.89 27.07 13.17
CA VAL B 269 19.25 28.33 12.52
C VAL B 269 20.78 28.38 12.33
N PRO B 270 21.23 28.45 11.05
CA PRO B 270 22.67 28.49 10.77
C PRO B 270 23.41 29.73 11.30
N PHE B 271 22.70 30.85 11.39
CA PHE B 271 23.34 32.12 11.74
C PHE B 271 22.62 32.81 12.89
N PRO B 272 22.79 32.28 14.12
CA PRO B 272 22.01 32.78 15.27
C PRO B 272 22.41 34.18 15.73
N ASP B 273 23.51 34.70 15.18
CA ASP B 273 23.97 36.06 15.45
C ASP B 273 23.12 37.13 14.74
N LYS B 274 22.51 36.75 13.61
CA LYS B 274 21.60 37.62 12.87
C LYS B 274 20.31 37.80 13.66
N PRO B 275 19.51 38.84 13.35
CA PRO B 275 18.25 39.07 14.08
C PRO B 275 17.33 37.85 14.06
N ASN B 276 16.66 37.60 15.18
CA ASN B 276 15.75 36.47 15.30
C ASN B 276 14.49 36.68 14.46
N LEU B 277 14.34 35.89 13.40
CA LEU B 277 13.20 35.99 12.49
C LEU B 277 11.93 35.39 13.05
N ASP B 278 12.05 34.74 14.22
CA ASP B 278 10.88 34.36 15.01
C ASP B 278 10.59 35.51 15.94
N VAL B 279 9.52 36.24 15.63
CA VAL B 279 9.20 37.50 16.30
C VAL B 279 8.36 37.29 17.56
N THR B 280 8.21 36.04 17.98
CA THR B 280 7.40 35.68 19.15
C THR B 280 7.81 36.51 20.37
N SER B 281 9.10 36.48 20.71
CA SER B 281 9.56 37.22 21.90
C SER B 281 9.33 38.73 21.79
N THR B 282 9.43 39.28 20.59
CA THR B 282 9.08 40.70 20.37
C THR B 282 7.58 40.96 20.51
N MET B 283 6.74 40.04 20.03
CA MET B 283 5.29 40.18 20.20
C MET B 283 4.96 40.21 21.68
N LEU B 284 5.59 39.32 22.44
CA LEU B 284 5.41 39.29 23.90
C LEU B 284 6.00 40.54 24.56
N GLN B 285 7.22 40.90 24.17
CA GLN B 285 7.88 42.12 24.67
C GLN B 285 7.01 43.35 24.44
N GLN B 286 6.39 43.45 23.26
CA GLN B 286 5.53 44.59 22.90
C GLN B 286 4.10 44.50 23.45
N GLY B 287 3.73 43.35 24.00
CA GLY B 287 2.42 43.21 24.64
C GLY B 287 1.26 42.94 23.68
N TRP B 288 1.53 42.25 22.58
CA TRP B 288 0.48 41.86 21.67
C TRP B 288 -0.53 40.94 22.37
N GLN B 289 -1.81 41.09 22.01
CA GLN B 289 -2.86 40.17 22.45
C GLN B 289 -3.63 39.61 21.24
N ALA B 290 -4.50 38.64 21.49
CA ALA B 290 -5.37 38.10 20.45
C ALA B 290 -6.06 39.21 19.64
N THR B 291 -6.60 40.23 20.33
CA THR B 291 -7.24 41.39 19.65
C THR B 291 -6.36 42.03 18.58
N HIS B 292 -5.11 42.36 18.93
CA HIS B 292 -4.16 42.97 17.99
C HIS B 292 -3.90 42.08 16.77
N MET B 293 -3.72 40.79 17.02
CA MET B 293 -3.40 39.84 15.95
C MET B 293 -4.52 39.81 14.92
N PHE B 294 -5.76 39.72 15.40
CA PHE B 294 -6.95 39.73 14.52
C PHE B 294 -7.14 41.06 13.76
N ARG B 295 -6.89 42.18 14.42
CA ARG B 295 -7.00 43.52 13.76
C ARG B 295 -5.90 43.74 12.71
N VAL B 296 -4.70 43.28 13.03
CA VAL B 296 -3.59 43.34 12.09
C VAL B 296 -3.85 42.45 10.86
N ALA B 297 -4.35 41.23 11.07
CA ALA B 297 -4.76 40.35 9.96
C ALA B 297 -5.84 41.01 9.11
N GLU B 298 -6.87 41.54 9.79
CA GLU B 298 -7.97 42.23 9.10
C GLU B 298 -7.46 43.36 8.21
N GLU B 299 -6.56 44.20 8.74
CA GLU B 299 -6.06 45.34 7.99
C GLU B 299 -5.30 44.90 6.74
N PHE B 300 -4.65 43.73 6.78
CA PHE B 300 -4.01 43.21 5.55
C PHE B 300 -5.08 42.98 4.49
N PHE B 301 -6.18 42.33 4.87
CA PHE B 301 -7.29 42.08 3.94
C PHE B 301 -7.89 43.36 3.35
N THR B 302 -8.14 44.35 4.20
CA THR B 302 -8.74 45.61 3.74
C THR B 302 -7.73 46.40 2.88
N SER B 303 -6.43 46.23 3.15
CA SER B 303 -5.37 46.85 2.32
C SER B 303 -5.48 46.40 0.87
N LEU B 304 -6.00 45.19 0.67
CA LEU B 304 -6.23 44.59 -0.64
C LEU B 304 -7.59 44.97 -1.24
N GLU B 305 -8.33 45.82 -0.54
CA GLU B 305 -9.73 46.14 -0.86
C GLU B 305 -10.66 44.94 -0.76
N LEU B 306 -10.31 44.01 0.13
CA LEU B 306 -11.22 42.94 0.50
C LEU B 306 -12.03 43.42 1.72
N SER B 307 -12.99 42.62 2.18
CA SER B 307 -13.92 43.09 3.20
C SER B 307 -13.33 43.05 4.60
N PRO B 308 -13.69 44.05 5.44
CA PRO B 308 -13.37 43.99 6.86
C PRO B 308 -14.25 42.95 7.55
N MET B 309 -13.89 42.53 8.75
CA MET B 309 -14.78 41.65 9.53
C MET B 309 -15.98 42.47 10.03
N PRO B 310 -17.22 41.97 9.78
CA PRO B 310 -18.45 42.66 10.20
C PRO B 310 -18.62 42.70 11.73
N PRO B 311 -19.48 43.59 12.25
CA PRO B 311 -19.73 43.68 13.69
C PRO B 311 -20.11 42.33 14.34
N GLU B 312 -20.91 41.55 13.63
CA GLU B 312 -21.33 40.21 14.08
C GLU B 312 -20.13 39.30 14.39
N PHE B 313 -19.06 39.45 13.61
CA PHE B 313 -17.82 38.70 13.82
C PHE B 313 -17.15 39.05 15.15
N TRP B 314 -17.00 40.34 15.43
CA TRP B 314 -16.36 40.77 16.67
C TRP B 314 -17.23 40.46 17.87
N GLU B 315 -18.55 40.59 17.70
CA GLU B 315 -19.48 40.32 18.78
C GLU B 315 -19.55 38.82 19.09
N GLY B 316 -19.54 37.99 18.06
CA GLY B 316 -19.83 36.56 18.22
C GLY B 316 -18.62 35.65 18.42
N SER B 317 -17.47 36.05 17.91
CA SER B 317 -16.29 35.18 17.87
C SER B 317 -15.74 34.86 19.26
N MET B 318 -15.12 33.68 19.39
CA MET B 318 -14.36 33.35 20.59
C MET B 318 -12.88 33.39 20.21
N LEU B 319 -12.19 34.43 20.66
CA LEU B 319 -10.81 34.68 20.25
C LEU B 319 -9.75 34.28 21.27
N GLU B 320 -10.19 33.86 22.44
CA GLU B 320 -9.28 33.38 23.48
C GLU B 320 -9.90 32.17 24.16
N LYS B 321 -9.08 31.30 24.73
CA LYS B 321 -9.61 30.19 25.54
C LYS B 321 -10.31 30.78 26.79
N PRO B 322 -11.57 30.38 27.04
CA PRO B 322 -12.30 30.95 28.20
C PRO B 322 -11.63 30.66 29.52
N ALA B 323 -11.68 31.63 30.42
CA ALA B 323 -11.01 31.55 31.72
C ALA B 323 -11.87 30.87 32.80
N ASP B 324 -13.19 30.81 32.58
CA ASP B 324 -14.07 30.04 33.46
C ASP B 324 -13.80 28.53 33.37
N GLY B 325 -14.63 27.72 34.00
CA GLY B 325 -14.49 26.26 33.93
C GLY B 325 -14.71 25.65 32.55
N ARG B 326 -15.28 26.43 31.62
CA ARG B 326 -15.81 25.96 30.34
C ARG B 326 -14.88 25.08 29.50
N GLU B 327 -15.33 23.86 29.22
CA GLU B 327 -14.64 22.98 28.30
C GLU B 327 -14.97 23.40 26.86
N VAL B 328 -13.94 23.53 26.01
CA VAL B 328 -14.13 23.97 24.62
C VAL B 328 -13.33 23.12 23.62
N VAL B 329 -13.75 23.14 22.36
CA VAL B 329 -12.90 22.62 21.30
C VAL B 329 -11.91 23.73 21.01
N CYS B 330 -10.64 23.53 21.35
CA CYS B 330 -9.67 24.59 21.13
C CYS B 330 -9.19 24.64 19.69
N HIS B 331 -9.22 23.51 19.00
CA HIS B 331 -8.76 23.49 17.62
C HIS B 331 -9.49 24.57 16.83
N ALA B 332 -8.71 25.44 16.18
CA ALA B 332 -9.24 26.65 15.53
C ALA B 332 -10.18 26.31 14.38
N SER B 333 -11.21 27.13 14.17
CA SER B 333 -12.16 26.91 13.08
C SER B 333 -12.83 28.21 12.68
N ALA B 334 -13.27 28.27 11.42
CA ALA B 334 -13.97 29.44 10.89
C ALA B 334 -15.37 29.04 10.46
N TRP B 335 -16.35 29.79 10.96
CA TRP B 335 -17.75 29.42 10.88
C TRP B 335 -18.61 30.33 9.99
N ASP B 336 -19.37 29.69 9.10
CA ASP B 336 -20.40 30.36 8.30
C ASP B 336 -21.77 29.86 8.76
N PHE B 337 -22.61 30.77 9.24
CA PHE B 337 -23.94 30.36 9.74
C PHE B 337 -25.00 30.29 8.64
N TYR B 338 -24.59 30.51 7.39
CA TYR B 338 -25.49 30.41 6.22
C TYR B 338 -26.74 31.33 6.30
N ASN B 339 -26.62 32.43 7.05
CA ASN B 339 -27.67 33.47 7.10
C ASN B 339 -27.21 34.81 6.46
N ARG B 340 -26.02 34.79 5.85
CA ARG B 340 -25.38 35.94 5.21
C ARG B 340 -25.04 37.10 6.16
N LYS B 341 -25.11 36.84 7.47
CA LYS B 341 -24.88 37.86 8.49
C LYS B 341 -23.84 37.44 9.54
N ASP B 342 -24.01 36.25 10.08
CA ASP B 342 -23.13 35.76 11.12
C ASP B 342 -21.96 34.93 10.59
N PHE B 343 -20.76 35.37 10.94
CA PHE B 343 -19.50 34.71 10.62
C PHE B 343 -18.58 34.86 11.83
N ARG B 344 -17.96 33.75 12.25
CA ARG B 344 -17.18 33.73 13.48
C ARG B 344 -15.93 32.88 13.40
N ILE B 345 -14.93 33.26 14.19
CA ILE B 345 -13.79 32.37 14.45
C ILE B 345 -13.85 31.89 15.90
N LYS B 346 -13.47 30.64 16.11
CA LYS B 346 -13.33 30.08 17.43
C LYS B 346 -11.88 29.59 17.51
N GLN B 347 -11.03 30.34 18.20
CA GLN B 347 -9.58 30.04 18.30
C GLN B 347 -9.11 30.36 19.70
N CYS B 348 -8.42 29.40 20.31
CA CYS B 348 -7.77 29.57 21.61
C CYS B 348 -6.41 30.26 21.40
N THR B 349 -6.47 31.53 21.00
CA THR B 349 -5.31 32.23 20.43
C THR B 349 -4.18 32.42 21.44
N ARG B 350 -2.97 32.06 21.04
CA ARG B 350 -1.79 32.30 21.85
C ARG B 350 -0.93 33.33 21.13
N VAL B 351 -0.15 34.08 21.89
CA VAL B 351 0.67 35.12 21.34
C VAL B 351 2.02 34.57 20.86
N THR B 352 2.04 34.07 19.63
CA THR B 352 3.25 33.58 18.99
C THR B 352 3.19 33.95 17.51
N MET B 353 4.33 33.84 16.85
CA MET B 353 4.39 34.10 15.42
C MET B 353 3.56 33.06 14.65
N ASP B 354 3.69 31.78 14.99
CA ASP B 354 2.92 30.77 14.25
C ASP B 354 1.41 30.94 14.45
N GLN B 355 1.00 31.45 15.61
CA GLN B 355 -0.40 31.80 15.85
C GLN B 355 -0.86 33.02 15.05
N LEU B 356 0.02 33.98 14.85
CA LEU B 356 -0.28 35.11 13.99
C LEU B 356 -0.60 34.62 12.57
N SER B 357 0.19 33.66 12.08
CA SER B 357 -0.13 33.00 10.79
C SER B 357 -1.44 32.24 10.82
N THR B 358 -1.72 31.54 11.93
CA THR B 358 -2.98 30.81 12.11
C THR B 358 -4.19 31.75 12.05
N VAL B 359 -4.07 32.94 12.66
CA VAL B 359 -5.14 33.94 12.58
C VAL B 359 -5.43 34.29 11.11
N HIS B 360 -4.38 34.49 10.32
CA HIS B 360 -4.55 34.79 8.90
C HIS B 360 -5.25 33.63 8.18
N HIS B 361 -4.81 32.41 8.46
CA HIS B 361 -5.43 31.20 7.88
C HIS B 361 -6.94 31.20 8.13
N GLU B 362 -7.33 31.37 9.38
CA GLU B 362 -8.75 31.38 9.75
C GLU B 362 -9.53 32.54 9.13
N MET B 363 -8.94 33.72 9.14
CA MET B 363 -9.59 34.89 8.53
C MET B 363 -9.71 34.76 7.02
N GLY B 364 -8.81 33.98 6.43
CA GLY B 364 -8.90 33.59 5.03
C GLY B 364 -10.19 32.85 4.74
N HIS B 365 -10.56 31.90 5.61
CA HIS B 365 -11.86 31.21 5.51
C HIS B 365 -13.03 32.21 5.63
N ILE B 366 -13.00 33.08 6.63
CA ILE B 366 -14.04 34.13 6.77
C ILE B 366 -14.15 35.03 5.52
N GLN B 367 -13.04 35.49 4.99
CA GLN B 367 -13.06 36.36 3.80
C GLN B 367 -13.79 35.67 2.65
N TYR B 368 -13.49 34.39 2.45
CA TYR B 368 -14.21 33.58 1.47
C TYR B 368 -15.70 33.66 1.69
N TYR B 369 -16.15 33.44 2.94
CA TYR B 369 -17.57 33.47 3.29
C TYR B 369 -18.19 34.81 2.94
N LEU B 370 -17.52 35.90 3.35
CA LEU B 370 -18.00 37.25 3.09
C LEU B 370 -18.10 37.56 1.60
N GLN B 371 -17.16 37.01 0.81
CA GLN B 371 -17.14 37.28 -0.62
C GLN B 371 -18.20 36.51 -1.40
N TYR B 372 -18.55 35.30 -0.97
CA TYR B 372 -19.58 34.56 -1.71
C TYR B 372 -20.93 34.46 -0.99
N LYS B 373 -21.16 35.31 0.00
CA LYS B 373 -22.38 35.24 0.82
C LYS B 373 -23.69 35.52 0.05
N ASP B 374 -23.59 36.12 -1.13
CA ASP B 374 -24.79 36.44 -1.92
C ASP B 374 -25.12 35.35 -2.95
N LEU B 375 -24.23 34.38 -3.11
CA LEU B 375 -24.53 33.21 -3.92
C LEU B 375 -25.55 32.31 -3.20
N PRO B 376 -26.30 31.49 -3.97
CA PRO B 376 -27.14 30.42 -3.41
C PRO B 376 -26.30 29.39 -2.63
N VAL B 377 -26.82 28.89 -1.51
CA VAL B 377 -26.03 28.08 -0.53
C VAL B 377 -25.11 27.00 -1.09
N SER B 378 -25.57 26.27 -2.10
CA SER B 378 -24.80 25.16 -2.66
C SER B 378 -23.55 25.65 -3.41
N LEU B 379 -23.49 26.95 -3.69
CA LEU B 379 -22.31 27.54 -4.33
C LEU B 379 -21.39 28.22 -3.30
N ARG B 380 -21.76 28.14 -2.03
CA ARG B 380 -20.97 28.74 -0.95
C ARG B 380 -19.92 27.78 -0.42
N ARG B 381 -18.94 27.49 -1.28
CA ARG B 381 -17.78 26.66 -0.94
C ARG B 381 -16.63 27.16 -1.77
N GLY B 382 -15.41 26.69 -1.47
CA GLY B 382 -14.25 27.03 -2.28
C GLY B 382 -14.36 26.37 -3.65
N ALA B 383 -13.62 26.88 -4.64
CA ALA B 383 -13.58 26.24 -5.96
C ALA B 383 -13.27 24.74 -5.81
N ASN B 384 -12.38 24.41 -4.86
CA ASN B 384 -12.34 23.12 -4.18
C ASN B 384 -11.89 23.38 -2.73
N PRO B 385 -11.97 22.38 -1.83
CA PRO B 385 -11.65 22.68 -0.42
C PRO B 385 -10.23 23.21 -0.19
N GLY B 386 -9.27 22.79 -1.02
CA GLY B 386 -7.90 23.29 -0.98
C GLY B 386 -7.75 24.78 -1.29
N PHE B 387 -8.64 25.32 -2.14
CA PHE B 387 -8.73 26.77 -2.34
C PHE B 387 -9.07 27.50 -1.05
N HIS B 388 -10.06 26.98 -0.32
CA HIS B 388 -10.51 27.58 0.93
C HIS B 388 -9.38 27.63 1.95
N GLU B 389 -8.61 26.54 2.02
CA GLU B 389 -7.48 26.43 2.97
C GLU B 389 -6.29 27.29 2.57
N ALA B 390 -6.19 27.63 1.28
CA ALA B 390 -5.03 28.38 0.78
C ALA B 390 -5.07 29.90 1.02
N ILE B 391 -6.26 30.48 1.09
CA ILE B 391 -6.43 31.95 1.01
C ILE B 391 -5.63 32.70 2.08
N GLY B 392 -5.88 32.39 3.34
CA GLY B 392 -5.19 33.07 4.43
C GLY B 392 -3.69 32.77 4.43
N ASP B 393 -3.31 31.59 3.95
CA ASP B 393 -1.89 31.19 3.89
C ASP B 393 -1.13 32.08 2.90
N VAL B 394 -1.79 32.45 1.81
CA VAL B 394 -1.20 33.32 0.80
C VAL B 394 -0.80 34.65 1.45
N LEU B 395 -1.73 35.27 2.16
CA LEU B 395 -1.43 36.52 2.86
C LEU B 395 -0.34 36.34 3.91
N ALA B 396 -0.39 35.23 4.66
CA ALA B 396 0.64 34.95 5.66
C ALA B 396 2.03 34.86 5.05
N LEU B 397 2.12 34.39 3.80
CA LEU B 397 3.39 34.41 3.07
C LEU B 397 4.00 35.82 2.97
N SER B 398 3.17 36.79 2.59
CA SER B 398 3.58 38.18 2.55
C SER B 398 3.93 38.73 3.93
N VAL B 399 3.12 38.39 4.93
CA VAL B 399 3.29 38.91 6.30
C VAL B 399 4.62 38.49 6.94
N SER B 400 5.01 37.23 6.71
CA SER B 400 6.19 36.62 7.33
C SER B 400 7.55 37.15 6.79
N THR B 401 7.53 37.80 5.61
CA THR B 401 8.76 38.40 5.06
C THR B 401 9.35 39.43 6.01
N PRO B 402 10.70 39.45 6.14
CA PRO B 402 11.35 40.39 7.04
C PRO B 402 11.01 41.85 6.76
N GLU B 403 10.78 42.19 5.48
CA GLU B 403 10.40 43.55 5.12
C GLU B 403 9.00 43.90 5.63
N HIS B 404 8.07 42.96 5.53
CA HIS B 404 6.74 43.19 6.09
C HIS B 404 6.75 43.25 7.60
N LEU B 405 7.49 42.33 8.24
CA LEU B 405 7.60 42.32 9.70
C LEU B 405 8.16 43.65 10.20
N HIS B 406 9.11 44.21 9.45
CA HIS B 406 9.63 45.54 9.74
C HIS B 406 8.54 46.63 9.62
N LYS B 407 7.75 46.56 8.56
CA LYS B 407 6.65 47.52 8.37
C LYS B 407 5.69 47.53 9.56
N ILE B 408 5.43 46.36 10.14
CA ILE B 408 4.48 46.29 11.26
C ILE B 408 5.18 46.32 12.62
N GLY B 409 6.45 46.72 12.63
CA GLY B 409 7.19 46.99 13.86
C GLY B 409 7.62 45.78 14.66
N LEU B 410 7.69 44.62 14.01
CA LEU B 410 8.07 43.38 14.69
C LEU B 410 9.53 43.01 14.51
N LEU B 411 10.24 43.75 13.68
CA LEU B 411 11.62 43.41 13.36
C LEU B 411 12.40 44.64 12.94
N ASP B 412 13.62 44.79 13.47
CA ASP B 412 14.55 45.79 12.96
C ASP B 412 14.85 45.46 11.50
N ARG B 413 15.01 46.48 10.67
CA ARG B 413 15.26 46.26 9.24
C ARG B 413 16.47 45.36 9.07
N VAL B 414 16.32 44.29 8.30
CA VAL B 414 17.38 43.31 8.13
C VAL B 414 18.25 43.71 6.95
N THR B 415 19.57 43.49 7.06
CA THR B 415 20.44 43.75 5.92
C THR B 415 20.27 42.61 4.94
N ASN B 416 20.12 42.95 3.60
CA ASN B 416 19.75 42.05 2.54
C ASN B 416 20.95 41.24 2.02
N ASP B 417 21.51 40.40 2.92
CA ASP B 417 22.63 39.55 2.56
C ASP B 417 22.25 38.06 2.45
N THR B 418 23.18 37.25 1.94
CA THR B 418 22.96 35.82 1.72
C THR B 418 22.57 35.10 3.01
N GLU B 419 23.25 35.40 4.11
CA GLU B 419 22.99 34.77 5.42
C GLU B 419 21.55 34.97 5.91
N SER B 420 21.08 36.22 5.89
CA SER B 420 19.72 36.56 6.26
C SER B 420 18.70 35.85 5.39
N ASP B 421 18.98 35.79 4.09
CA ASP B 421 18.10 35.11 3.15
C ASP B 421 17.97 33.61 3.48
N ILE B 422 19.12 32.95 3.69
CA ILE B 422 19.16 31.54 4.04
C ILE B 422 18.44 31.29 5.36
N ASN B 423 18.69 32.16 6.34
CA ASN B 423 17.97 32.15 7.60
C ASN B 423 16.45 32.14 7.40
N TYR B 424 15.95 33.05 6.55
CA TYR B 424 14.51 33.18 6.31
C TYR B 424 13.91 31.95 5.62
N LEU B 425 14.55 31.55 4.52
CA LEU B 425 14.08 30.43 3.74
C LEU B 425 14.11 29.11 4.50
N LEU B 426 15.05 28.95 5.43
CA LEU B 426 15.09 27.74 6.24
C LEU B 426 13.90 27.71 7.20
N LYS B 427 13.62 28.84 7.83
CA LYS B 427 12.47 28.97 8.70
C LYS B 427 11.19 28.66 7.92
N MET B 428 11.10 29.15 6.68
CA MET B 428 9.94 28.88 5.85
C MET B 428 9.90 27.41 5.40
N ALA B 429 11.07 26.81 5.23
CA ALA B 429 11.14 25.38 4.88
C ALA B 429 10.61 24.54 6.04
N LEU B 430 11.00 24.92 7.26
CA LEU B 430 10.54 24.23 8.45
C LEU B 430 9.01 24.22 8.56
N GLU B 431 8.41 25.35 8.15
CA GLU B 431 6.98 25.53 8.24
C GLU B 431 6.23 24.83 7.10
N LYS B 432 6.76 24.94 5.88
CA LYS B 432 6.03 24.54 4.68
C LYS B 432 6.45 23.17 4.11
N ILE B 433 7.75 23.01 3.84
CA ILE B 433 8.28 21.75 3.29
C ILE B 433 8.03 20.58 4.25
N ALA B 434 8.28 20.81 5.54
CA ALA B 434 8.11 19.76 6.55
C ALA B 434 6.69 19.18 6.62
N PHE B 435 5.69 19.98 6.27
CA PHE B 435 4.28 19.58 6.31
C PHE B 435 3.90 18.69 5.14
N LEU B 436 4.55 18.88 4.00
CA LEU B 436 4.17 18.17 2.78
C LEU B 436 3.92 16.67 2.95
N PRO B 437 4.89 15.91 3.54
CA PRO B 437 4.61 14.46 3.72
C PRO B 437 3.39 14.18 4.58
N PHE B 438 3.16 14.98 5.62
CA PHE B 438 2.04 14.77 6.51
C PHE B 438 0.71 15.14 5.84
N GLY B 439 0.65 16.28 5.18
CA GLY B 439 -0.53 16.67 4.42
C GLY B 439 -0.94 15.62 3.41
N TYR B 440 0.04 14.88 2.90
CA TYR B 440 -0.19 13.85 1.88
C TYR B 440 -0.65 12.52 2.50
N LEU B 441 -0.03 12.12 3.62
CA LEU B 441 -0.22 10.77 4.16
C LEU B 441 -1.51 10.52 4.94
N VAL B 442 -2.02 11.56 5.62
CA VAL B 442 -3.18 11.41 6.52
C VAL B 442 -4.39 10.83 5.78
N ASP B 443 -4.73 11.37 4.62
CA ASP B 443 -5.84 10.80 3.90
C ASP B 443 -5.49 9.50 3.15
N GLN B 444 -4.22 9.27 2.83
CA GLN B 444 -3.82 7.94 2.36
C GLN B 444 -4.19 6.89 3.40
N TRP B 445 -3.92 7.20 4.67
CA TRP B 445 -4.33 6.31 5.74
C TRP B 445 -5.85 6.15 5.77
N ARG B 446 -6.55 7.27 5.81
CA ARG B 446 -7.99 7.27 5.94
C ARG B 446 -8.68 6.61 4.74
N TRP B 447 -8.17 6.84 3.52
CA TRP B 447 -8.74 6.16 2.34
C TRP B 447 -8.63 4.64 2.43
N GLY B 448 -7.50 4.15 2.95
CA GLY B 448 -7.30 2.70 3.15
C GLY B 448 -8.26 2.12 4.18
N VAL B 449 -8.52 2.89 5.24
CA VAL B 449 -9.51 2.52 6.24
C VAL B 449 -10.91 2.47 5.63
N PHE B 450 -11.32 3.55 4.95
CA PHE B 450 -12.62 3.54 4.27
C PHE B 450 -12.77 2.42 3.24
N SER B 451 -11.71 2.14 2.49
CA SER B 451 -11.75 1.09 1.44
C SER B 451 -11.81 -0.31 2.03
N GLY B 452 -11.42 -0.46 3.29
CA GLY B 452 -11.29 -1.78 3.87
C GLY B 452 -9.91 -2.39 3.72
N ARG B 453 -8.99 -1.71 3.05
CA ARG B 453 -7.61 -2.19 2.95
C ARG B 453 -6.94 -2.22 4.34
N THR B 454 -7.34 -1.28 5.19
CA THR B 454 -6.84 -1.17 6.56
C THR B 454 -7.99 -1.42 7.54
N PRO B 455 -8.15 -2.68 7.99
CA PRO B 455 -9.15 -2.99 9.01
C PRO B 455 -8.64 -2.52 10.37
N PRO B 456 -9.51 -2.53 11.41
CA PRO B 456 -9.09 -2.15 12.77
C PRO B 456 -7.82 -2.83 13.26
N SER B 457 -7.63 -4.10 12.92
CA SER B 457 -6.44 -4.85 13.33
C SER B 457 -5.12 -4.29 12.78
N ARG B 458 -5.22 -3.38 11.80
CA ARG B 458 -4.03 -2.72 11.24
C ARG B 458 -4.10 -1.18 11.27
N TYR B 459 -4.96 -0.60 12.10
CA TYR B 459 -5.01 0.88 12.21
C TYR B 459 -3.64 1.50 12.50
N ASN B 460 -2.95 1.01 13.54
CA ASN B 460 -1.68 1.62 13.94
C ASN B 460 -0.49 1.19 13.06
N PHE B 461 -0.49 -0.10 12.68
CA PHE B 461 0.52 -0.66 11.77
C PHE B 461 0.57 0.17 10.47
N ASP B 462 -0.57 0.44 9.86
CA ASP B 462 -0.59 1.17 8.60
C ASP B 462 -0.30 2.65 8.79
N TRP B 463 -0.74 3.21 9.92
CA TRP B 463 -0.44 4.60 10.27
C TRP B 463 1.09 4.78 10.35
N TRP B 464 1.75 3.92 11.12
CA TRP B 464 3.19 4.05 11.28
C TRP B 464 3.97 3.69 10.03
N TYR B 465 3.47 2.75 9.22
CA TYR B 465 4.04 2.52 7.89
C TYR B 465 4.09 3.84 7.12
N LEU B 466 2.98 4.56 7.10
CA LEU B 466 2.90 5.80 6.31
C LEU B 466 3.75 6.92 6.93
N ARG B 467 3.70 7.04 8.24
CA ARG B 467 4.51 8.05 8.91
C ARG B 467 5.99 7.87 8.64
N THR B 468 6.46 6.63 8.69
CA THR B 468 7.84 6.34 8.40
C THR B 468 8.12 6.52 6.91
N LYS B 469 7.24 5.98 6.06
CA LYS B 469 7.41 6.06 4.63
C LYS B 469 7.58 7.52 4.18
N TYR B 470 6.67 8.38 4.65
CA TYR B 470 6.62 9.75 4.17
C TYR B 470 7.41 10.73 4.97
N GLN B 471 7.21 10.75 6.29
CA GLN B 471 7.90 11.72 7.13
C GLN B 471 9.28 11.28 7.62
N GLY B 472 9.53 9.97 7.65
CA GLY B 472 10.83 9.51 8.15
C GLY B 472 10.96 9.72 9.63
N ILE B 473 9.90 9.43 10.34
CA ILE B 473 9.89 9.52 11.80
C ILE B 473 9.53 8.16 12.37
N CYS B 474 9.78 7.96 13.65
CA CYS B 474 9.43 6.72 14.31
C CYS B 474 8.88 7.07 15.67
N PRO B 475 7.98 6.22 16.21
CA PRO B 475 7.46 6.50 17.55
C PRO B 475 8.57 6.32 18.57
N PRO B 476 8.64 7.23 19.55
CA PRO B 476 9.73 7.21 20.51
C PRO B 476 9.51 6.21 21.64
N VAL B 477 8.29 5.66 21.71
CA VAL B 477 8.00 4.49 22.53
C VAL B 477 7.36 3.41 21.66
N THR B 478 7.41 2.17 22.14
CA THR B 478 6.78 1.05 21.46
C THR B 478 5.28 1.28 21.34
N ARG B 479 4.72 0.99 20.17
CA ARG B 479 3.28 1.06 19.96
C ARG B 479 2.78 -0.32 19.52
N ASN B 480 1.52 -0.61 19.83
CA ASN B 480 0.88 -1.83 19.35
C ASN B 480 -0.55 -1.49 18.95
N GLU B 481 -1.36 -2.48 18.62
CA GLU B 481 -2.68 -2.18 18.05
C GLU B 481 -3.76 -1.72 19.04
N THR B 482 -3.40 -1.68 20.32
CA THR B 482 -4.26 -1.06 21.33
C THR B 482 -4.22 0.46 21.15
N HIS B 483 -3.04 0.97 20.81
CA HIS B 483 -2.89 2.39 20.49
C HIS B 483 -3.55 2.73 19.17
N PHE B 484 -4.06 3.94 19.07
CA PHE B 484 -4.72 4.38 17.85
C PHE B 484 -4.19 5.79 17.60
N ASP B 485 -2.95 5.85 17.15
CA ASP B 485 -2.20 7.11 17.08
C ASP B 485 -2.77 8.10 16.08
N ALA B 486 -3.45 7.60 15.04
CA ALA B 486 -4.12 8.47 14.07
C ALA B 486 -5.22 9.28 14.74
N GLY B 487 -5.84 8.67 15.75
CA GLY B 487 -6.96 9.29 16.46
C GLY B 487 -6.54 10.44 17.35
N ALA B 488 -5.24 10.54 17.64
CA ALA B 488 -4.65 11.66 18.39
C ALA B 488 -4.41 12.92 17.55
N LYS B 489 -4.88 12.90 16.31
CA LYS B 489 -4.79 14.06 15.41
C LYS B 489 -6.22 14.53 15.18
N PHE B 490 -6.51 15.79 15.54
CA PHE B 490 -7.87 16.39 15.50
C PHE B 490 -8.79 15.90 14.40
N HIS B 491 -8.35 16.03 13.16
CA HIS B 491 -9.20 15.81 11.99
C HIS B 491 -9.74 14.39 11.89
N VAL B 492 -9.10 13.45 12.58
CA VAL B 492 -9.55 12.05 12.51
C VAL B 492 -10.86 11.84 13.31
N PRO B 493 -10.84 12.05 14.65
CA PRO B 493 -12.13 11.92 15.36
C PRO B 493 -13.18 12.98 14.97
N ASN B 494 -12.74 14.11 14.46
CA ASN B 494 -13.66 15.16 14.00
C ASN B 494 -14.03 15.01 12.55
N VAL B 495 -13.69 13.83 12.01
CA VAL B 495 -14.17 13.34 10.73
C VAL B 495 -14.18 14.40 9.62
N THR B 496 -13.07 15.12 9.48
CA THR B 496 -12.95 16.14 8.45
C THR B 496 -11.69 15.87 7.63
N PRO B 497 -11.77 15.96 6.29
CA PRO B 497 -10.71 15.47 5.39
C PRO B 497 -9.43 16.28 5.47
N TYR B 498 -8.33 15.68 5.01
CA TYR B 498 -7.02 16.28 5.18
C TYR B 498 -6.32 16.66 3.88
N ILE B 499 -6.67 15.98 2.79
CA ILE B 499 -5.96 16.17 1.52
C ILE B 499 -6.04 17.62 1.01
N ARG B 500 -7.08 18.34 1.43
CA ARG B 500 -7.20 19.79 1.19
C ARG B 500 -5.94 20.56 1.58
N TYR B 501 -5.24 20.06 2.60
CA TYR B 501 -4.07 20.76 3.11
C TYR B 501 -2.84 20.51 2.25
N PHE B 502 -2.67 19.29 1.73
CA PHE B 502 -1.62 19.04 0.73
C PHE B 502 -1.89 19.87 -0.53
N VAL B 503 -3.14 19.84 -1.00
CA VAL B 503 -3.55 20.67 -2.14
C VAL B 503 -3.28 22.16 -1.86
N SER B 504 -3.70 22.62 -0.69
CA SER B 504 -3.48 24.01 -0.30
C SER B 504 -2.01 24.42 -0.32
N PHE B 505 -1.11 23.55 0.10
CA PHE B 505 0.29 23.91 0.24
C PHE B 505 0.95 24.10 -1.13
N VAL B 506 0.47 23.36 -2.13
CA VAL B 506 0.95 23.53 -3.50
C VAL B 506 0.33 24.79 -4.12
N LEU B 507 -0.99 24.85 -3.99
CA LEU B 507 -1.82 25.96 -4.48
C LEU B 507 -1.41 27.35 -3.97
N GLN B 508 -1.00 27.44 -2.70
CA GLN B 508 -0.66 28.76 -2.15
C GLN B 508 0.55 29.43 -2.80
N PHE B 509 1.54 28.62 -3.22
CA PHE B 509 2.70 29.14 -3.90
C PHE B 509 2.36 29.52 -5.34
N GLN B 510 1.40 28.82 -5.93
CA GLN B 510 0.89 29.17 -7.25
C GLN B 510 0.18 30.51 -7.20
N PHE B 511 -0.66 30.68 -6.17
CA PHE B 511 -1.41 31.92 -5.94
C PHE B 511 -0.45 33.06 -5.64
N HIS B 512 0.49 32.82 -4.73
CA HIS B 512 1.51 33.80 -4.38
C HIS B 512 2.25 34.35 -5.61
N GLU B 513 2.76 33.45 -6.45
CA GLU B 513 3.46 33.86 -7.67
C GLU B 513 2.57 34.74 -8.55
N ALA B 514 1.32 34.32 -8.76
CA ALA B 514 0.38 35.03 -9.60
C ALA B 514 -0.01 36.37 -9.00
N LEU B 515 -0.13 36.44 -7.67
CA LEU B 515 -0.47 37.70 -7.03
C LEU B 515 0.69 38.70 -7.06
N CYS B 516 1.89 38.19 -6.85
CA CYS B 516 3.12 38.97 -6.88
C CYS B 516 3.42 39.55 -8.26
N LYS B 517 3.28 38.74 -9.31
CA LYS B 517 3.40 39.25 -10.67
C LYS B 517 2.37 40.34 -10.91
N GLU B 518 1.13 40.09 -10.47
CA GLU B 518 0.02 41.02 -10.67
C GLU B 518 0.23 42.35 -9.96
N ALA B 519 0.85 42.30 -8.78
CA ALA B 519 1.26 43.48 -8.02
C ALA B 519 2.37 44.30 -8.71
N GLY B 520 3.01 43.71 -9.72
CA GLY B 520 4.09 44.37 -10.45
C GLY B 520 5.41 44.21 -9.71
N TYR B 521 5.45 43.27 -8.78
CA TYR B 521 6.68 42.97 -8.07
C TYR B 521 7.61 42.21 -9.01
N GLU B 522 8.92 42.45 -8.89
CA GLU B 522 9.87 41.89 -9.85
C GLU B 522 11.15 41.33 -9.22
N GLY B 523 11.21 41.32 -7.89
CA GLY B 523 12.35 40.73 -7.16
C GLY B 523 12.19 39.24 -6.93
N PRO B 524 13.04 38.65 -6.06
CA PRO B 524 12.91 37.24 -5.71
C PRO B 524 11.53 36.94 -5.12
N LEU B 525 10.94 35.82 -5.53
CA LEU B 525 9.57 35.48 -5.14
C LEU B 525 9.38 35.42 -3.61
N HIS B 526 10.39 34.93 -2.89
CA HIS B 526 10.31 34.80 -1.44
C HIS B 526 10.48 36.11 -0.69
N GLN B 527 10.68 37.21 -1.41
CA GLN B 527 10.79 38.53 -0.80
C GLN B 527 9.61 39.41 -1.17
N CYS B 528 8.67 38.83 -1.90
CA CYS B 528 7.46 39.53 -2.31
C CYS B 528 6.48 39.80 -1.15
N ASP B 529 5.94 41.01 -1.11
CA ASP B 529 4.88 41.40 -0.18
C ASP B 529 3.77 42.08 -0.98
N ILE B 530 2.59 41.47 -0.99
CA ILE B 530 1.44 41.98 -1.74
C ILE B 530 0.59 43.02 -0.98
N TYR B 531 0.97 43.31 0.26
CA TYR B 531 0.31 44.33 1.07
C TYR B 531 -0.01 45.58 0.24
N ARG B 532 -1.25 46.07 0.35
CA ARG B 532 -1.70 47.31 -0.32
C ARG B 532 -1.78 47.23 -1.84
N SER B 533 -1.49 46.08 -2.42
CA SER B 533 -1.70 45.94 -3.86
C SER B 533 -3.18 45.72 -4.18
N THR B 534 -3.81 46.76 -4.71
CA THR B 534 -5.22 46.67 -5.09
C THR B 534 -5.39 45.78 -6.33
N LYS B 535 -4.37 45.74 -7.18
CA LYS B 535 -4.38 44.84 -8.35
C LYS B 535 -4.39 43.38 -7.92
N ALA B 536 -3.46 43.00 -7.04
CA ALA B 536 -3.47 41.64 -6.48
C ALA B 536 -4.81 41.37 -5.77
N GLY B 537 -5.29 42.37 -5.01
CA GLY B 537 -6.56 42.25 -4.30
C GLY B 537 -7.75 41.97 -5.22
N ALA B 538 -7.81 42.67 -6.36
CA ALA B 538 -8.86 42.43 -7.35
C ALA B 538 -8.81 41.01 -7.95
N LYS B 539 -7.61 40.52 -8.22
CA LYS B 539 -7.42 39.17 -8.78
C LYS B 539 -7.82 38.09 -7.77
N LEU B 540 -7.52 38.32 -6.49
CA LEU B 540 -7.94 37.39 -5.43
C LEU B 540 -9.45 37.46 -5.21
N ARG B 541 -10.01 38.67 -5.29
CA ARG B 541 -11.46 38.85 -5.09
C ARG B 541 -12.23 38.05 -6.13
N LYS B 542 -11.74 38.03 -7.37
CA LYS B 542 -12.40 37.28 -8.45
C LYS B 542 -12.53 35.80 -8.10
N VAL B 543 -11.47 35.25 -7.51
CA VAL B 543 -11.49 33.86 -7.06
C VAL B 543 -12.55 33.69 -5.98
N LEU B 544 -12.51 34.57 -4.98
CA LEU B 544 -13.36 34.40 -3.80
C LEU B 544 -14.85 34.52 -4.08
N ARG B 545 -15.23 35.52 -4.89
CA ARG B 545 -16.64 35.74 -5.22
C ARG B 545 -17.25 34.60 -6.02
N ALA B 546 -16.40 33.84 -6.71
CA ALA B 546 -16.83 32.76 -7.59
C ALA B 546 -17.41 31.57 -6.85
N GLY B 547 -17.12 31.47 -5.55
CA GLY B 547 -17.50 30.30 -4.76
C GLY B 547 -17.16 29.01 -5.50
N SER B 548 -18.11 28.07 -5.52
CA SER B 548 -17.95 26.85 -6.30
C SER B 548 -18.85 26.82 -7.55
N SER B 549 -19.15 27.99 -8.10
CA SER B 549 -20.01 28.09 -9.28
C SER B 549 -19.36 27.59 -10.58
N ARG B 550 -18.02 27.65 -10.64
CA ARG B 550 -17.27 27.17 -11.81
C ARG B 550 -16.23 26.11 -11.41
N PRO B 551 -15.92 25.17 -12.33
CA PRO B 551 -14.93 24.13 -12.00
C PRO B 551 -13.57 24.74 -11.66
N TRP B 552 -12.87 24.16 -10.69
CA TRP B 552 -11.68 24.79 -10.12
C TRP B 552 -10.54 24.96 -11.12
N GLN B 553 -10.48 24.07 -12.11
CA GLN B 553 -9.44 24.15 -13.14
C GLN B 553 -9.56 25.43 -13.96
N GLU B 554 -10.79 25.89 -14.15
CA GLU B 554 -11.07 27.15 -14.86
C GLU B 554 -10.70 28.37 -14.03
N VAL B 555 -11.12 28.35 -12.76
CA VAL B 555 -10.82 29.43 -11.82
C VAL B 555 -9.31 29.59 -11.68
N LEU B 556 -8.61 28.46 -11.57
CA LEU B 556 -7.18 28.45 -11.44
C LEU B 556 -6.51 28.99 -12.70
N LYS B 557 -7.03 28.59 -13.86
CA LYS B 557 -6.55 29.12 -15.16
C LYS B 557 -6.67 30.65 -15.23
N ASP B 558 -7.86 31.16 -14.92
CA ASP B 558 -8.14 32.60 -14.86
C ASP B 558 -7.18 33.34 -13.94
N MET B 559 -6.75 32.67 -12.87
CA MET B 559 -5.89 33.31 -11.87
C MET B 559 -4.40 33.13 -12.17
N VAL B 560 -4.00 31.91 -12.50
CA VAL B 560 -2.58 31.56 -12.52
C VAL B 560 -2.02 31.35 -13.94
N GLY B 561 -2.92 31.20 -14.91
CA GLY B 561 -2.51 30.94 -16.31
C GLY B 561 -2.47 29.46 -16.65
N LEU B 562 -2.80 28.62 -15.67
CA LEU B 562 -2.71 27.17 -15.81
C LEU B 562 -3.92 26.51 -15.16
N ASP B 563 -4.31 25.34 -15.66
CA ASP B 563 -5.52 24.67 -15.18
C ASP B 563 -5.23 23.43 -14.33
N ALA B 564 -4.00 23.34 -13.82
CA ALA B 564 -3.64 22.23 -12.96
C ALA B 564 -2.76 22.67 -11.79
N LEU B 565 -2.76 21.86 -10.73
CA LEU B 565 -1.79 22.01 -9.64
C LEU B 565 -0.39 21.84 -10.18
N ASP B 566 0.54 22.66 -9.68
CA ASP B 566 1.89 22.68 -10.19
C ASP B 566 2.85 23.03 -9.06
N ALA B 567 3.88 22.19 -8.91
CA ALA B 567 4.86 22.35 -7.84
C ALA B 567 5.94 23.41 -8.15
N GLN B 568 5.97 23.90 -9.40
CA GLN B 568 7.05 24.78 -9.83
C GLN B 568 7.14 26.08 -9.02
N PRO B 569 6.00 26.77 -8.79
CA PRO B 569 6.10 27.98 -7.95
C PRO B 569 6.69 27.72 -6.56
N LEU B 570 6.26 26.63 -5.91
CA LEU B 570 6.83 26.23 -4.63
C LEU B 570 8.34 26.03 -4.74
N LEU B 571 8.76 25.23 -5.72
CA LEU B 571 10.17 24.98 -5.98
C LEU B 571 10.97 26.28 -6.22
N LYS B 572 10.39 27.18 -7.01
CA LYS B 572 11.01 28.47 -7.34
C LYS B 572 11.18 29.32 -6.09
N TYR B 573 10.19 29.28 -5.20
CA TYR B 573 10.19 30.04 -3.94
C TYR B 573 11.38 29.61 -3.09
N PHE B 574 11.60 28.31 -3.00
CA PHE B 574 12.62 27.72 -2.13
C PHE B 574 14.01 27.45 -2.75
N GLN B 575 14.14 27.67 -4.05
CA GLN B 575 15.39 27.44 -4.82
C GLN B 575 16.73 27.54 -4.06
N LEU B 576 16.94 28.67 -3.40
CA LEU B 576 18.21 28.98 -2.76
C LEU B 576 18.52 28.09 -1.56
N VAL B 577 17.50 27.79 -0.77
CA VAL B 577 17.70 27.01 0.44
C VAL B 577 17.77 25.51 0.07
N THR B 578 17.12 25.17 -1.04
CA THR B 578 17.19 23.82 -1.59
C THR B 578 18.64 23.53 -1.97
N GLN B 579 19.27 24.47 -2.67
CA GLN B 579 20.68 24.36 -3.05
C GLN B 579 21.59 24.35 -1.81
N TRP B 580 21.42 25.33 -0.93
CA TRP B 580 22.19 25.39 0.32
C TRP B 580 22.11 24.08 1.14
N LEU B 581 20.89 23.56 1.30
CA LEU B 581 20.67 22.35 2.09
C LEU B 581 21.40 21.13 1.52
N GLN B 582 21.33 20.95 0.21
CA GLN B 582 22.07 19.89 -0.48
C GLN B 582 23.55 20.00 -0.16
N GLU B 583 24.10 21.19 -0.37
CA GLU B 583 25.52 21.45 -0.12
C GLU B 583 25.90 21.13 1.32
N GLN B 584 25.13 21.62 2.29
CA GLN B 584 25.39 21.32 3.71
C GLN B 584 25.45 19.82 4.02
N ASN B 585 24.51 19.08 3.43
CA ASN B 585 24.41 17.64 3.61
C ASN B 585 25.55 16.88 2.94
N GLN B 586 25.92 17.28 1.73
CA GLN B 586 27.11 16.73 1.05
C GLN B 586 28.38 16.90 1.87
N GLN B 587 28.65 18.14 2.30
CA GLN B 587 29.79 18.47 3.16
C GLN B 587 29.79 17.68 4.48
N ASN B 588 28.60 17.43 5.01
CA ASN B 588 28.47 16.61 6.21
C ASN B 588 28.45 15.11 5.92
N GLY B 589 28.47 14.75 4.64
CA GLY B 589 28.45 13.36 4.21
C GLY B 589 27.21 12.64 4.71
N GLU B 590 26.08 13.35 4.66
CA GLU B 590 24.79 12.82 5.11
C GLU B 590 24.27 11.75 4.18
N VAL B 591 23.52 10.82 4.76
CA VAL B 591 22.74 9.87 4.00
C VAL B 591 21.33 10.48 3.92
N LEU B 592 20.82 10.67 2.72
CA LEU B 592 19.46 11.17 2.54
C LEU B 592 18.49 10.00 2.67
N GLY B 593 17.51 10.14 3.56
CA GLY B 593 16.58 9.06 3.80
C GLY B 593 16.88 8.38 5.11
N TRP B 594 16.20 7.27 5.32
CA TRP B 594 16.29 6.56 6.59
C TRP B 594 16.37 5.05 6.31
N PRO B 595 17.50 4.60 5.71
CA PRO B 595 17.63 3.18 5.31
C PRO B 595 17.59 2.20 6.50
N GLU B 596 17.92 2.67 7.70
CA GLU B 596 17.67 1.88 8.91
C GLU B 596 16.23 2.09 9.41
N TYR B 597 15.30 1.64 8.58
CA TYR B 597 13.86 1.88 8.75
C TYR B 597 13.26 1.24 10.01
N GLN B 598 13.95 0.23 10.56
CA GLN B 598 13.52 -0.48 11.78
C GLN B 598 13.93 0.22 13.08
N TRP B 599 14.89 1.14 12.98
CA TRP B 599 15.42 1.76 14.18
C TRP B 599 14.37 2.54 15.00
N HIS B 600 14.42 2.31 16.32
CA HIS B 600 13.68 3.07 17.31
C HIS B 600 14.62 3.48 18.44
N PRO B 601 14.40 4.66 19.04
CA PRO B 601 15.25 5.07 20.16
C PRO B 601 14.87 4.28 21.43
N PRO B 602 15.83 4.08 22.34
CA PRO B 602 15.46 3.41 23.60
C PRO B 602 14.80 4.41 24.55
N LEU B 603 14.18 3.90 25.60
CA LEU B 603 13.63 4.73 26.66
C LEU B 603 14.74 5.44 27.43
N PRO B 604 14.51 6.71 27.84
CA PRO B 604 15.50 7.39 28.67
C PRO B 604 15.67 6.68 30.01
N ASP B 605 16.76 7.00 30.71
CA ASP B 605 17.21 6.25 31.89
C ASP B 605 16.11 5.69 32.81
N ASN B 606 15.47 6.54 33.60
CA ASN B 606 14.47 6.08 34.57
C ASN B 606 13.07 6.58 34.26
N TYR B 607 12.64 6.38 33.02
CA TYR B 607 11.35 6.88 32.53
C TYR B 607 10.19 6.04 33.08
N PRO B 608 9.11 6.69 33.58
CA PRO B 608 8.82 8.12 33.57
C PRO B 608 9.11 8.94 34.85
N GLU B 609 9.47 8.28 35.95
CA GLU B 609 9.76 9.03 37.19
C GLU B 609 10.96 9.98 37.04
N GLY B 610 10.96 11.07 37.79
CA GLY B 610 11.99 12.10 37.67
C GLY B 610 11.95 12.81 36.33
#